data_3A4V
#
_entry.id   3A4V
#
_cell.length_a   149.803
_cell.length_b   45.988
_cell.length_c   89.778
_cell.angle_alpha   90.00
_cell.angle_beta   113.37
_cell.angle_gamma   90.00
#
_symmetry.space_group_name_H-M   'C 1 2 1'
#
loop_
_entity.id
_entity.type
_entity.pdbx_description
1 polymer 'NDP-sugar epimerase'
2 non-polymer NICOTINAMIDE-ADENINE-DINUCLEOTIDE
3 non-polymer 'PYRUVIC ACID'
4 non-polymer (4S)-2-METHYL-2,4-PENTANEDIOL
5 water water
#
_entity_poly.entity_id   1
_entity_poly.type   'polypeptide(L)'
_entity_poly.pdbx_seq_one_letter_code
;MILVTGSSGQIGTELVPYLAEKYGKKNVIASDIVQRDTGGIKFITLDVSNRDEIDRAVEKYSIDAIFHLAGILSAKGEKD
PALAYKVNMNGTYNILEAAKQHRVEKVVIPSTIGVFGPETPKNKVPSITITRPRTMYGVTKIAAELLGQYYYEKFGLDVR
SLRYPGIISYKAEPTAGTTDYAVEIFYYAVKREKYKCYLAPNRALPMMYMPDALKALVDLYEADRDKLVLRNGYNVTAYT
FTPSELYSKIKERIPEFEIEYKEDFRDKIAATWPESLDSSEASNEWGFSIEYDLDRTIDDMIDHISEKLGIEGKHAL
;
_entity_poly.pdbx_strand_id   A,B
#
loop_
_chem_comp.id
_chem_comp.type
_chem_comp.name
_chem_comp.formula
MPD non-polymer (4S)-2-METHYL-2,4-PENTANEDIOL 'C6 H14 O2'
NAD non-polymer NICOTINAMIDE-ADENINE-DINUCLEOTIDE 'C21 H27 N7 O14 P2'
PYR non-polymer 'PYRUVIC ACID' 'C3 H4 O3'
#
# COMPACT_ATOMS: atom_id res chain seq x y z
N MET A 1 19.68 -18.74 -14.21
CA MET A 1 18.42 -19.52 -14.03
C MET A 1 17.28 -18.57 -13.69
N ILE A 2 16.18 -18.71 -14.40
CA ILE A 2 15.01 -17.86 -14.20
C ILE A 2 13.85 -18.67 -13.64
N LEU A 3 13.21 -18.15 -12.60
CA LEU A 3 12.06 -18.79 -12.02
C LEU A 3 10.86 -17.92 -12.29
N VAL A 4 9.78 -18.53 -12.78
CA VAL A 4 8.55 -17.80 -13.03
C VAL A 4 7.49 -18.38 -12.10
N THR A 5 6.89 -17.53 -11.28
CA THR A 5 5.83 -18.01 -10.40
C THR A 5 4.49 -17.73 -11.09
N GLY A 6 3.47 -18.50 -10.72
CA GLY A 6 2.15 -18.33 -11.32
C GLY A 6 2.20 -18.43 -12.83
N SER A 7 3.02 -19.37 -13.33
CA SER A 7 3.21 -19.54 -14.77
C SER A 7 2.10 -20.21 -15.57
N SER A 8 1.05 -20.70 -14.90
CA SER A 8 -0.04 -21.37 -15.62
C SER A 8 -1.14 -20.40 -16.05
N GLY A 9 -1.00 -19.13 -15.70
CA GLY A 9 -2.00 -18.15 -16.04
C GLY A 9 -1.96 -17.60 -17.45
N GLN A 10 -2.78 -16.58 -17.72
CA GLN A 10 -2.83 -15.98 -19.05
C GLN A 10 -1.47 -15.50 -19.53
N ILE A 11 -0.75 -14.81 -18.65
CA ILE A 11 0.55 -14.29 -19.02
C ILE A 11 1.63 -15.36 -18.95
N GLY A 12 1.66 -16.11 -17.85
CA GLY A 12 2.67 -17.13 -17.67
C GLY A 12 2.71 -18.18 -18.77
N THR A 13 1.54 -18.58 -19.25
CA THR A 13 1.49 -19.58 -20.31
C THR A 13 2.31 -19.18 -21.53
N GLU A 14 2.41 -17.88 -21.80
CA GLU A 14 3.18 -17.39 -22.93
C GLU A 14 4.57 -16.88 -22.53
N LEU A 15 4.70 -16.37 -21.30
CA LEU A 15 5.98 -15.85 -20.83
C LEU A 15 7.04 -16.95 -20.70
N VAL A 16 6.61 -18.11 -20.21
CA VAL A 16 7.54 -19.23 -20.03
C VAL A 16 8.21 -19.61 -21.35
N PRO A 17 7.44 -19.90 -22.41
CA PRO A 17 8.09 -20.26 -23.68
C PRO A 17 8.82 -19.07 -24.30
N TYR A 18 8.37 -17.86 -23.98
CA TYR A 18 8.99 -16.63 -24.47
C TYR A 18 10.41 -16.52 -23.89
N LEU A 19 10.51 -16.75 -22.58
CA LEU A 19 11.79 -16.71 -21.87
C LEU A 19 12.69 -17.85 -22.35
N ALA A 20 12.09 -19.02 -22.55
CA ALA A 20 12.83 -20.20 -22.98
C ALA A 20 13.50 -20.01 -24.34
N GLU A 21 12.77 -19.41 -25.29
CA GLU A 21 13.32 -19.17 -26.61
C GLU A 21 14.45 -18.14 -26.56
N LYS A 22 14.35 -17.21 -25.64
CA LYS A 22 15.36 -16.16 -25.53
C LYS A 22 16.60 -16.60 -24.75
N TYR A 23 16.39 -17.33 -23.67
CA TYR A 23 17.51 -17.75 -22.83
C TYR A 23 17.81 -19.24 -22.80
N GLY A 24 16.94 -20.03 -23.40
CA GLY A 24 17.14 -21.47 -23.41
C GLY A 24 16.18 -22.18 -22.47
N LYS A 25 15.56 -23.25 -22.94
CA LYS A 25 14.61 -24.01 -22.14
C LYS A 25 15.24 -24.46 -20.82
N LYS A 26 16.55 -24.70 -20.87
CA LYS A 26 17.32 -25.17 -19.72
C LYS A 26 17.47 -24.15 -18.60
N ASN A 27 17.33 -22.87 -18.93
CA ASN A 27 17.50 -21.81 -17.94
C ASN A 27 16.21 -21.22 -17.37
N VAL A 28 15.09 -21.86 -17.66
CA VAL A 28 13.79 -21.39 -17.19
C VAL A 28 13.07 -22.46 -16.38
N ILE A 29 12.50 -22.06 -15.24
CA ILE A 29 11.75 -22.98 -14.39
C ILE A 29 10.33 -22.41 -14.21
N ALA A 30 9.34 -23.16 -14.66
CA ALA A 30 7.95 -22.74 -14.52
C ALA A 30 7.41 -23.26 -13.19
N SER A 31 6.56 -22.48 -12.55
CA SER A 31 5.99 -22.92 -11.27
C SER A 31 4.62 -22.31 -11.04
N ASP A 32 3.77 -23.06 -10.34
CA ASP A 32 2.42 -22.61 -10.06
C ASP A 32 1.83 -23.61 -9.06
N ILE A 33 0.64 -23.33 -8.55
CA ILE A 33 0.00 -24.26 -7.62
C ILE A 33 -0.84 -25.22 -8.47
N VAL A 34 -1.06 -24.83 -9.72
CA VAL A 34 -1.82 -25.63 -10.67
C VAL A 34 -0.91 -25.92 -11.87
N GLN A 35 -0.62 -27.19 -12.12
CA GLN A 35 0.25 -27.54 -13.22
C GLN A 35 -0.47 -27.62 -14.56
N ARG A 36 0.25 -27.21 -15.60
CA ARG A 36 -0.26 -27.25 -16.97
C ARG A 36 0.93 -27.69 -17.80
N ASP A 37 0.67 -28.18 -19.01
CA ASP A 37 1.76 -28.63 -19.86
C ASP A 37 2.65 -27.43 -20.21
N THR A 38 3.95 -27.60 -20.01
CA THR A 38 4.91 -26.53 -20.29
C THR A 38 5.88 -26.93 -21.41
N GLY A 39 5.46 -27.88 -22.23
CA GLY A 39 6.26 -28.36 -23.35
C GLY A 39 7.75 -28.51 -23.16
N GLY A 40 8.16 -29.44 -22.31
CA GLY A 40 9.59 -29.67 -22.10
C GLY A 40 10.25 -28.82 -21.03
N ILE A 41 9.71 -27.64 -20.79
CA ILE A 41 10.27 -26.75 -19.79
C ILE A 41 9.93 -27.27 -18.40
N LYS A 42 10.94 -27.33 -17.53
CA LYS A 42 10.74 -27.83 -16.17
C LYS A 42 9.66 -27.09 -15.40
N PHE A 43 8.76 -27.84 -14.78
CA PHE A 43 7.69 -27.28 -13.97
C PHE A 43 7.77 -27.82 -12.55
N ILE A 44 7.56 -26.95 -11.57
CA ILE A 44 7.59 -27.35 -10.18
C ILE A 44 6.38 -26.76 -9.47
N THR A 45 5.83 -27.50 -8.50
CA THR A 45 4.69 -27.01 -7.74
C THR A 45 5.25 -26.05 -6.71
N LEU A 46 4.74 -24.82 -6.70
CA LEU A 46 5.21 -23.81 -5.77
C LEU A 46 4.11 -22.86 -5.35
N ASP A 47 3.77 -22.88 -4.06
CA ASP A 47 2.74 -22.01 -3.49
C ASP A 47 3.50 -20.84 -2.88
N VAL A 48 3.37 -19.65 -3.50
CA VAL A 48 4.08 -18.47 -3.02
C VAL A 48 3.70 -18.04 -1.60
N SER A 49 2.57 -18.51 -1.08
CA SER A 49 2.18 -18.12 0.28
C SER A 49 2.95 -18.95 1.31
N ASN A 50 3.76 -19.89 0.81
CA ASN A 50 4.57 -20.77 1.65
C ASN A 50 6.05 -20.41 1.48
N ARG A 51 6.56 -19.57 2.38
CA ARG A 51 7.95 -19.12 2.32
C ARG A 51 8.94 -20.27 2.17
N ASP A 52 8.70 -21.36 2.89
CA ASP A 52 9.58 -22.51 2.83
C ASP A 52 9.73 -23.06 1.41
N GLU A 53 8.62 -23.08 0.66
CA GLU A 53 8.66 -23.60 -0.71
C GLU A 53 9.53 -22.71 -1.60
N ILE A 54 9.39 -21.40 -1.48
CA ILE A 54 10.20 -20.49 -2.28
C ILE A 54 11.68 -20.70 -1.99
N ASP A 55 12.03 -20.78 -0.70
CA ASP A 55 13.41 -20.99 -0.31
C ASP A 55 13.97 -22.25 -0.97
N ARG A 56 13.24 -23.34 -0.85
CA ARG A 56 13.66 -24.62 -1.42
C ARG A 56 13.86 -24.59 -2.93
N ALA A 57 12.97 -23.90 -3.64
CA ALA A 57 13.08 -23.79 -5.10
C ALA A 57 14.28 -22.93 -5.50
N VAL A 58 14.42 -21.79 -4.85
CA VAL A 58 15.53 -20.88 -5.14
C VAL A 58 16.87 -21.54 -4.88
N GLU A 59 16.92 -22.35 -3.81
CA GLU A 59 18.14 -23.05 -3.44
C GLU A 59 18.46 -24.18 -4.41
N LYS A 60 17.50 -25.07 -4.64
CA LYS A 60 17.71 -26.20 -5.53
C LYS A 60 18.11 -25.83 -6.95
N TYR A 61 17.51 -24.78 -7.48
CA TYR A 61 17.79 -24.35 -8.85
C TYR A 61 18.71 -23.15 -9.00
N SER A 62 19.35 -22.73 -7.92
CA SER A 62 20.27 -21.59 -7.95
C SER A 62 19.66 -20.45 -8.78
N ILE A 63 18.43 -20.09 -8.45
CA ILE A 63 17.71 -19.05 -9.16
C ILE A 63 18.41 -17.68 -9.11
N ASP A 64 18.51 -17.04 -10.27
CA ASP A 64 19.16 -15.75 -10.40
C ASP A 64 18.15 -14.64 -10.62
N ALA A 65 16.99 -15.00 -11.17
CA ALA A 65 15.95 -14.03 -11.46
C ALA A 65 14.57 -14.61 -11.25
N ILE A 66 13.64 -13.78 -10.78
CA ILE A 66 12.28 -14.25 -10.56
C ILE A 66 11.27 -13.32 -11.22
N PHE A 67 10.45 -13.87 -12.10
CA PHE A 67 9.37 -13.11 -12.72
C PHE A 67 8.20 -13.58 -11.86
N HIS A 68 7.80 -12.74 -10.92
CA HIS A 68 6.74 -13.07 -9.97
C HIS A 68 5.36 -12.72 -10.49
N LEU A 69 4.72 -13.69 -11.13
CA LEU A 69 3.39 -13.50 -11.71
C LEU A 69 2.24 -14.00 -10.83
N ALA A 70 2.54 -14.93 -9.94
CA ALA A 70 1.51 -15.50 -9.07
C ALA A 70 0.67 -14.45 -8.38
N GLY A 71 -0.65 -14.61 -8.49
CA GLY A 71 -1.53 -13.67 -7.84
C GLY A 71 -3.01 -13.85 -8.16
N ILE A 72 -3.84 -13.25 -7.32
CA ILE A 72 -5.29 -13.28 -7.47
C ILE A 72 -5.63 -11.93 -8.11
N LEU A 73 -6.25 -11.95 -9.28
CA LEU A 73 -6.58 -10.71 -9.98
C LEU A 73 -7.76 -9.92 -9.41
N SER A 74 -8.01 -8.74 -9.98
CA SER A 74 -9.04 -7.84 -9.50
C SER A 74 -10.42 -8.43 -9.19
N ALA A 75 -11.05 -9.05 -10.19
CA ALA A 75 -12.38 -9.63 -10.01
C ALA A 75 -12.41 -10.77 -9.01
N LYS A 76 -11.53 -11.74 -9.20
CA LYS A 76 -11.47 -12.89 -8.31
C LYS A 76 -11.20 -12.42 -6.88
N GLY A 77 -10.37 -11.39 -6.75
CA GLY A 77 -10.03 -10.85 -5.44
C GLY A 77 -11.24 -10.32 -4.69
N GLU A 78 -12.21 -9.77 -5.41
CA GLU A 78 -13.41 -9.24 -4.75
C GLU A 78 -14.33 -10.35 -4.28
N LYS A 79 -14.24 -11.51 -4.92
CA LYS A 79 -15.06 -12.65 -4.53
C LYS A 79 -14.45 -13.33 -3.30
N ASP A 80 -13.15 -13.13 -3.10
CA ASP A 80 -12.45 -13.72 -1.97
C ASP A 80 -11.25 -12.85 -1.62
N PRO A 81 -11.48 -11.68 -1.00
CA PRO A 81 -10.39 -10.78 -0.63
C PRO A 81 -9.36 -11.40 0.32
N ALA A 82 -9.80 -12.33 1.16
CA ALA A 82 -8.87 -12.97 2.09
C ALA A 82 -7.85 -13.79 1.29
N LEU A 83 -8.30 -14.43 0.21
CA LEU A 83 -7.39 -15.22 -0.60
C LEU A 83 -6.42 -14.29 -1.30
N ALA A 84 -6.95 -13.18 -1.83
CA ALA A 84 -6.11 -12.21 -2.53
C ALA A 84 -5.04 -11.63 -1.60
N TYR A 85 -5.41 -11.37 -0.36
CA TYR A 85 -4.43 -10.81 0.58
C TYR A 85 -3.33 -11.81 0.88
N LYS A 86 -3.70 -13.04 1.17
CA LYS A 86 -2.71 -14.07 1.47
C LYS A 86 -1.73 -14.29 0.33
N VAL A 87 -2.26 -14.49 -0.88
CA VAL A 87 -1.42 -14.74 -2.04
C VAL A 87 -0.65 -13.51 -2.52
N ASN A 88 -1.35 -12.40 -2.71
CA ASN A 88 -0.71 -11.19 -3.22
C ASN A 88 0.20 -10.47 -2.22
N MET A 89 -0.30 -10.20 -1.02
CA MET A 89 0.50 -9.49 -0.04
C MET A 89 1.59 -10.39 0.56
N ASN A 90 1.19 -11.39 1.34
CA ASN A 90 2.18 -12.27 1.95
C ASN A 90 3.02 -13.02 0.92
N GLY A 91 2.43 -13.34 -0.22
CA GLY A 91 3.19 -14.04 -1.25
C GLY A 91 4.31 -13.19 -1.83
N THR A 92 4.00 -11.93 -2.10
CA THR A 92 5.02 -11.03 -2.65
C THR A 92 6.10 -10.74 -1.60
N TYR A 93 5.70 -10.60 -0.34
CA TYR A 93 6.68 -10.34 0.72
C TYR A 93 7.62 -11.56 0.77
N ASN A 94 7.05 -12.75 0.74
CA ASN A 94 7.84 -13.99 0.79
C ASN A 94 8.87 -14.02 -0.35
N ILE A 95 8.44 -13.68 -1.56
CA ILE A 95 9.33 -13.68 -2.70
C ILE A 95 10.47 -12.66 -2.52
N LEU A 96 10.12 -11.47 -2.07
CA LEU A 96 11.13 -10.45 -1.87
C LEU A 96 12.16 -10.84 -0.81
N GLU A 97 11.67 -11.31 0.33
CA GLU A 97 12.56 -11.69 1.42
C GLU A 97 13.40 -12.92 1.05
N ALA A 98 12.80 -13.85 0.30
CA ALA A 98 13.52 -15.05 -0.12
C ALA A 98 14.62 -14.63 -1.09
N ALA A 99 14.28 -13.77 -2.04
CA ALA A 99 15.25 -13.32 -3.02
C ALA A 99 16.42 -12.62 -2.31
N LYS A 100 16.10 -11.78 -1.33
CA LYS A 100 17.11 -11.05 -0.59
C LYS A 100 18.02 -11.96 0.24
N GLN A 101 17.44 -12.96 0.87
CA GLN A 101 18.21 -13.89 1.71
C GLN A 101 19.10 -14.81 0.90
N HIS A 102 18.75 -15.01 -0.37
CA HIS A 102 19.53 -15.88 -1.24
C HIS A 102 20.32 -15.02 -2.23
N ARG A 103 20.82 -15.62 -3.29
CA ARG A 103 21.61 -14.89 -4.27
C ARG A 103 20.84 -14.51 -5.53
N VAL A 104 19.59 -14.09 -5.36
CA VAL A 104 18.77 -13.71 -6.50
C VAL A 104 19.10 -12.28 -6.90
N GLU A 105 19.58 -12.12 -8.13
CA GLU A 105 19.96 -10.79 -8.62
C GLU A 105 18.78 -9.87 -8.95
N LYS A 106 17.78 -10.40 -9.63
CA LYS A 106 16.63 -9.58 -10.02
C LYS A 106 15.26 -10.20 -9.76
N VAL A 107 14.30 -9.34 -9.49
CA VAL A 107 12.91 -9.75 -9.29
C VAL A 107 12.09 -8.78 -10.11
N VAL A 108 11.22 -9.31 -10.98
CA VAL A 108 10.38 -8.45 -11.80
C VAL A 108 8.93 -8.74 -11.46
N ILE A 109 8.20 -7.68 -11.15
CA ILE A 109 6.80 -7.81 -10.75
C ILE A 109 5.83 -7.09 -11.69
N PRO A 110 4.80 -7.81 -12.15
CA PRO A 110 3.84 -7.16 -13.04
C PRO A 110 2.73 -6.52 -12.21
N SER A 111 2.80 -5.21 -12.03
CA SER A 111 1.77 -4.53 -11.29
C SER A 111 0.60 -4.25 -12.22
N THR A 112 -0.28 -3.33 -11.84
CA THR A 112 -1.49 -3.11 -12.61
C THR A 112 -2.14 -1.74 -12.47
N ILE A 113 -3.03 -1.43 -13.40
CA ILE A 113 -3.78 -0.18 -13.35
C ILE A 113 -4.70 -0.28 -12.13
N GLY A 114 -4.76 -1.47 -11.56
CA GLY A 114 -5.58 -1.69 -10.38
C GLY A 114 -5.07 -0.91 -9.17
N VAL A 115 -3.87 -0.35 -9.24
CA VAL A 115 -3.35 0.43 -8.11
C VAL A 115 -3.99 1.82 -8.05
N PHE A 116 -4.75 2.17 -9.08
CA PHE A 116 -5.39 3.48 -9.13
C PHE A 116 -6.81 3.44 -8.54
N GLY A 117 -7.32 4.63 -8.23
CA GLY A 117 -8.65 4.73 -7.65
C GLY A 117 -9.40 5.92 -8.21
N PRO A 118 -10.59 6.23 -7.67
CA PRO A 118 -11.43 7.35 -8.12
C PRO A 118 -10.73 8.71 -8.22
N GLU A 119 -9.82 8.99 -7.29
CA GLU A 119 -9.11 10.27 -7.27
C GLU A 119 -8.02 10.38 -8.33
N THR A 120 -7.62 9.24 -8.90
CA THR A 120 -6.57 9.24 -9.93
C THR A 120 -7.12 9.87 -11.20
N PRO A 121 -6.39 10.82 -11.79
CA PRO A 121 -6.84 11.46 -13.03
C PRO A 121 -7.23 10.41 -14.06
N LYS A 122 -8.24 10.70 -14.87
CA LYS A 122 -8.72 9.75 -15.87
C LYS A 122 -7.95 9.67 -17.18
N ASN A 123 -7.34 10.78 -17.59
CA ASN A 123 -6.63 10.79 -18.87
C ASN A 123 -5.11 10.93 -18.81
N LYS A 124 -4.43 10.11 -19.60
CA LYS A 124 -2.97 10.11 -19.70
C LYS A 124 -2.28 10.25 -18.34
N VAL A 125 -2.68 9.41 -17.40
CA VAL A 125 -2.13 9.45 -16.05
C VAL A 125 -0.66 9.06 -16.03
N PRO A 126 0.17 9.86 -15.35
CA PRO A 126 1.60 9.55 -15.25
C PRO A 126 1.83 8.49 -14.18
N SER A 127 3.05 8.00 -14.07
CA SER A 127 3.37 6.97 -13.09
C SER A 127 3.32 7.45 -11.64
N ILE A 128 3.79 8.66 -11.40
CA ILE A 128 3.73 9.24 -10.05
C ILE A 128 2.41 10.00 -10.01
N THR A 129 1.44 9.46 -9.29
CA THR A 129 0.12 10.07 -9.21
C THR A 129 -0.58 9.61 -7.94
N ILE A 130 -1.88 9.88 -7.84
CA ILE A 130 -2.63 9.46 -6.67
C ILE A 130 -2.90 7.96 -6.77
N THR A 131 -2.59 7.22 -5.72
CA THR A 131 -2.82 5.77 -5.73
C THR A 131 -3.65 5.34 -4.53
N ARG A 132 -4.97 5.39 -4.67
CA ARG A 132 -5.87 5.02 -3.59
C ARG A 132 -6.83 3.95 -4.11
N PRO A 133 -6.30 2.76 -4.44
CA PRO A 133 -7.12 1.66 -4.95
C PRO A 133 -8.28 1.27 -4.05
N ARG A 134 -9.38 0.86 -4.66
CA ARG A 134 -10.57 0.47 -3.92
C ARG A 134 -10.91 -1.02 -3.98
N THR A 135 -9.97 -1.84 -4.48
CA THR A 135 -10.18 -3.28 -4.52
C THR A 135 -9.07 -3.91 -3.67
N MET A 136 -9.32 -5.09 -3.10
CA MET A 136 -8.28 -5.73 -2.32
C MET A 136 -7.08 -5.96 -3.23
N TYR A 137 -7.36 -6.36 -4.47
CA TYR A 137 -6.32 -6.59 -5.46
C TYR A 137 -5.44 -5.35 -5.57
N GLY A 138 -6.07 -4.21 -5.78
CA GLY A 138 -5.34 -2.96 -5.90
C GLY A 138 -4.50 -2.63 -4.68
N VAL A 139 -5.04 -2.86 -3.49
CA VAL A 139 -4.26 -2.56 -2.28
C VAL A 139 -3.02 -3.45 -2.19
N THR A 140 -3.15 -4.74 -2.52
CA THR A 140 -2.00 -5.63 -2.45
C THR A 140 -0.95 -5.29 -3.51
N LYS A 141 -1.40 -4.78 -4.65
CA LYS A 141 -0.49 -4.43 -5.72
C LYS A 141 0.30 -3.14 -5.51
N ILE A 142 -0.34 -2.11 -4.95
CA ILE A 142 0.42 -0.88 -4.70
C ILE A 142 1.40 -1.22 -3.57
N ALA A 143 0.96 -2.07 -2.64
CA ALA A 143 1.84 -2.49 -1.55
C ALA A 143 3.05 -3.20 -2.14
N ALA A 144 2.81 -4.06 -3.13
CA ALA A 144 3.90 -4.80 -3.78
C ALA A 144 4.93 -3.87 -4.42
N GLU A 145 4.44 -2.82 -5.06
CA GLU A 145 5.32 -1.84 -5.70
C GLU A 145 6.17 -1.12 -4.67
N LEU A 146 5.56 -0.77 -3.55
CA LEU A 146 6.24 -0.05 -2.49
C LEU A 146 7.24 -0.95 -1.78
N LEU A 147 6.85 -2.21 -1.59
CA LEU A 147 7.71 -3.20 -0.94
C LEU A 147 8.89 -3.44 -1.87
N GLY A 148 8.60 -3.52 -3.16
CA GLY A 148 9.65 -3.74 -4.15
C GLY A 148 10.66 -2.62 -4.10
N GLN A 149 10.19 -1.38 -4.16
CA GLN A 149 11.08 -0.24 -4.11
C GLN A 149 11.86 -0.21 -2.80
N TYR A 150 11.22 -0.58 -1.70
CA TYR A 150 11.89 -0.59 -0.41
C TYR A 150 13.01 -1.61 -0.38
N TYR A 151 12.78 -2.79 -0.95
CA TYR A 151 13.84 -3.80 -0.94
C TYR A 151 15.05 -3.34 -1.73
N TYR A 152 14.84 -2.49 -2.75
CA TYR A 152 16.02 -1.99 -3.46
C TYR A 152 16.69 -0.91 -2.63
N GLU A 153 15.93 0.11 -2.21
CA GLU A 153 16.54 1.18 -1.43
C GLU A 153 17.15 0.74 -0.11
N LYS A 154 16.55 -0.26 0.53
CA LYS A 154 17.04 -0.73 1.83
C LYS A 154 18.12 -1.81 1.73
N PHE A 155 17.88 -2.83 0.92
CA PHE A 155 18.80 -3.95 0.81
C PHE A 155 19.61 -4.03 -0.49
N GLY A 156 19.35 -3.14 -1.44
CA GLY A 156 20.06 -3.18 -2.68
C GLY A 156 19.56 -4.26 -3.64
N LEU A 157 18.43 -4.89 -3.32
CA LEU A 157 17.85 -5.94 -4.16
C LEU A 157 17.25 -5.32 -5.41
N ASP A 158 17.70 -5.78 -6.58
CA ASP A 158 17.21 -5.24 -7.85
C ASP A 158 15.79 -5.67 -8.17
N VAL A 159 14.80 -4.92 -7.68
CA VAL A 159 13.40 -5.22 -7.96
C VAL A 159 12.84 -4.16 -8.90
N ARG A 160 12.14 -4.61 -9.93
CA ARG A 160 11.58 -3.71 -10.92
C ARG A 160 10.13 -4.09 -11.15
N SER A 161 9.32 -3.12 -11.57
CA SER A 161 7.92 -3.42 -11.83
C SER A 161 7.31 -2.43 -12.80
N LEU A 162 6.32 -2.90 -13.53
CA LEU A 162 5.60 -2.07 -14.48
C LEU A 162 4.12 -2.31 -14.18
N ARG A 163 3.28 -1.41 -14.66
CA ARG A 163 1.85 -1.55 -14.44
C ARG A 163 1.15 -1.90 -15.74
N TYR A 164 0.66 -3.14 -15.81
CA TYR A 164 -0.03 -3.57 -17.00
C TYR A 164 -1.47 -3.07 -17.02
N PRO A 165 -1.99 -2.78 -18.21
CA PRO A 165 -3.36 -2.32 -18.42
C PRO A 165 -4.03 -3.66 -18.72
N GLY A 166 -5.22 -3.65 -19.32
CA GLY A 166 -5.85 -4.92 -19.65
C GLY A 166 -5.01 -5.62 -20.72
N ILE A 167 -4.79 -6.93 -20.56
CA ILE A 167 -4.00 -7.67 -21.55
C ILE A 167 -4.89 -8.58 -22.42
N ILE A 168 -4.73 -8.44 -23.73
CA ILE A 168 -5.49 -9.21 -24.72
C ILE A 168 -4.61 -10.34 -25.26
N SER A 169 -5.14 -11.55 -25.35
CA SER A 169 -4.37 -12.69 -25.84
C SER A 169 -5.30 -13.78 -26.34
N TYR A 170 -4.73 -14.78 -27.00
CA TYR A 170 -5.52 -15.89 -27.52
C TYR A 170 -5.03 -17.26 -27.07
N LYS A 171 -3.80 -17.35 -26.58
CA LYS A 171 -3.26 -18.65 -26.16
C LYS A 171 -3.82 -19.19 -24.85
N ALA A 172 -3.92 -18.34 -23.83
CA ALA A 172 -4.47 -18.75 -22.54
C ALA A 172 -5.64 -17.81 -22.26
N GLU A 173 -6.75 -18.38 -21.80
CA GLU A 173 -7.96 -17.63 -21.51
C GLU A 173 -8.03 -16.98 -20.13
N PRO A 174 -8.25 -15.65 -20.07
CA PRO A 174 -8.34 -14.92 -18.81
C PRO A 174 -9.68 -15.19 -18.14
N THR A 175 -9.70 -15.31 -16.82
CA THR A 175 -10.94 -15.60 -16.13
C THR A 175 -11.15 -14.88 -14.81
N ALA A 176 -10.09 -14.29 -14.26
CA ALA A 176 -10.20 -13.64 -12.95
C ALA A 176 -10.07 -12.12 -12.93
N GLY A 177 -9.95 -11.50 -14.10
CA GLY A 177 -9.80 -10.06 -14.16
C GLY A 177 -11.02 -9.26 -14.53
N THR A 178 -10.82 -7.96 -14.75
CA THR A 178 -11.91 -7.06 -15.10
C THR A 178 -11.94 -6.77 -16.61
N THR A 179 -10.78 -6.90 -17.25
CA THR A 179 -10.65 -6.65 -18.69
C THR A 179 -10.83 -7.89 -19.56
N ASP A 180 -11.25 -9.00 -18.94
CA ASP A 180 -11.45 -10.27 -19.64
C ASP A 180 -12.34 -10.16 -20.87
N TYR A 181 -13.33 -9.28 -20.83
CA TYR A 181 -14.25 -9.15 -21.95
C TYR A 181 -13.56 -8.90 -23.30
N ALA A 182 -12.42 -8.21 -23.26
CA ALA A 182 -11.68 -7.87 -24.47
C ALA A 182 -11.19 -9.10 -25.23
N VAL A 183 -11.17 -10.25 -24.55
CA VAL A 183 -10.78 -11.50 -25.20
C VAL A 183 -12.05 -12.28 -25.53
N GLU A 184 -12.95 -12.37 -24.55
CA GLU A 184 -14.21 -13.09 -24.70
C GLU A 184 -15.02 -12.66 -25.92
N ILE A 185 -15.03 -11.35 -26.18
CA ILE A 185 -15.79 -10.81 -27.29
C ILE A 185 -15.40 -11.40 -28.64
N PHE A 186 -14.12 -11.73 -28.81
CA PHE A 186 -13.66 -12.30 -30.06
C PHE A 186 -14.25 -13.68 -30.32
N TYR A 187 -14.38 -14.49 -29.27
CA TYR A 187 -14.95 -15.82 -29.43
C TYR A 187 -16.37 -15.69 -29.97
N TYR A 188 -17.15 -14.80 -29.37
CA TYR A 188 -18.52 -14.61 -29.81
C TYR A 188 -18.58 -14.03 -31.23
N ALA A 189 -17.66 -13.12 -31.53
CA ALA A 189 -17.63 -12.51 -32.85
C ALA A 189 -17.37 -13.56 -33.94
N VAL A 190 -16.35 -14.39 -33.75
CA VAL A 190 -16.02 -15.42 -34.72
C VAL A 190 -17.13 -16.45 -34.91
N LYS A 191 -17.88 -16.70 -33.85
CA LYS A 191 -18.99 -17.66 -33.91
C LYS A 191 -20.29 -16.98 -34.30
N ARG A 192 -20.23 -15.69 -34.59
CA ARG A 192 -21.40 -14.91 -34.97
C ARG A 192 -22.53 -15.06 -33.94
N GLU A 193 -22.18 -14.87 -32.68
CA GLU A 193 -23.14 -14.96 -31.59
C GLU A 193 -23.29 -13.62 -30.87
N LYS A 194 -24.33 -13.51 -30.05
CA LYS A 194 -24.58 -12.27 -29.31
C LYS A 194 -23.80 -12.28 -28.01
N TYR A 195 -22.82 -11.39 -27.89
CA TYR A 195 -22.01 -11.33 -26.69
C TYR A 195 -22.64 -10.49 -25.58
N LYS A 196 -22.69 -11.06 -24.37
CA LYS A 196 -23.23 -10.35 -23.21
C LYS A 196 -22.04 -9.73 -22.48
N CYS A 197 -21.90 -8.42 -22.62
CA CYS A 197 -20.80 -7.68 -22.01
C CYS A 197 -21.12 -7.19 -20.60
N TYR A 198 -20.22 -7.45 -19.66
CA TYR A 198 -20.42 -7.06 -18.27
C TYR A 198 -19.95 -5.66 -17.91
N LEU A 199 -19.29 -4.98 -18.85
CA LEU A 199 -18.85 -3.60 -18.59
C LEU A 199 -19.82 -2.68 -19.32
N ALA A 200 -19.93 -1.44 -18.85
CA ALA A 200 -20.82 -0.47 -19.49
C ALA A 200 -20.29 -0.20 -20.89
N PRO A 201 -21.20 0.09 -21.84
CA PRO A 201 -20.78 0.37 -23.22
C PRO A 201 -19.74 1.47 -23.40
N ASN A 202 -19.72 2.45 -22.49
CA ASN A 202 -18.78 3.54 -22.62
C ASN A 202 -17.65 3.49 -21.58
N ARG A 203 -17.41 2.30 -21.03
CA ARG A 203 -16.36 2.15 -20.02
C ARG A 203 -14.99 2.10 -20.70
N ALA A 204 -14.32 3.24 -20.76
CA ALA A 204 -13.01 3.31 -21.41
C ALA A 204 -11.89 2.80 -20.49
N LEU A 205 -11.03 1.97 -21.06
CA LEU A 205 -9.90 1.41 -20.30
C LEU A 205 -8.66 1.23 -21.18
N PRO A 206 -7.47 1.28 -20.56
CA PRO A 206 -6.22 1.11 -21.30
C PRO A 206 -6.02 -0.39 -21.51
N MET A 207 -5.45 -0.75 -22.65
CA MET A 207 -5.23 -2.15 -23.00
C MET A 207 -3.96 -2.32 -23.81
N MET A 208 -3.56 -3.58 -24.01
CA MET A 208 -2.39 -3.89 -24.81
C MET A 208 -2.40 -5.35 -25.18
N TYR A 209 -1.78 -5.68 -26.32
CA TYR A 209 -1.74 -7.05 -26.83
C TYR A 209 -0.58 -7.81 -26.20
N MET A 210 -0.80 -9.10 -25.93
CA MET A 210 0.20 -9.96 -25.29
C MET A 210 1.65 -9.86 -25.81
N PRO A 211 1.85 -9.90 -27.14
CA PRO A 211 3.21 -9.81 -27.67
C PRO A 211 3.95 -8.60 -27.09
N ASP A 212 3.27 -7.47 -27.02
CA ASP A 212 3.87 -6.27 -26.48
C ASP A 212 4.03 -6.36 -24.96
N ALA A 213 3.10 -7.05 -24.30
CA ALA A 213 3.17 -7.20 -22.84
C ALA A 213 4.40 -8.03 -22.46
N LEU A 214 4.64 -9.08 -23.23
CA LEU A 214 5.79 -9.95 -22.96
C LEU A 214 7.08 -9.19 -23.21
N LYS A 215 7.14 -8.51 -24.36
CA LYS A 215 8.32 -7.73 -24.73
C LYS A 215 8.63 -6.70 -23.65
N ALA A 216 7.60 -6.02 -23.16
CA ALA A 216 7.78 -5.01 -22.13
C ALA A 216 8.35 -5.57 -20.83
N LEU A 217 7.82 -6.70 -20.36
CA LEU A 217 8.30 -7.28 -19.11
C LEU A 217 9.77 -7.71 -19.24
N VAL A 218 10.12 -8.29 -20.40
CA VAL A 218 11.51 -8.74 -20.60
C VAL A 218 12.45 -7.56 -20.86
N ASP A 219 11.95 -6.52 -21.50
CA ASP A 219 12.77 -5.34 -21.76
C ASP A 219 13.09 -4.67 -20.42
N LEU A 220 12.12 -4.66 -19.52
CA LEU A 220 12.33 -4.06 -18.19
C LEU A 220 13.36 -4.91 -17.43
N TYR A 221 13.22 -6.22 -17.55
CA TYR A 221 14.13 -7.15 -16.91
C TYR A 221 15.58 -6.89 -17.37
N GLU A 222 15.77 -6.72 -18.67
CA GLU A 222 17.11 -6.50 -19.23
C GLU A 222 17.62 -5.05 -19.20
N ALA A 223 16.76 -4.12 -18.84
CA ALA A 223 17.13 -2.70 -18.82
C ALA A 223 18.42 -2.36 -18.07
N ASP A 224 19.16 -1.39 -18.61
CA ASP A 224 20.39 -0.93 -17.96
C ASP A 224 20.01 -0.32 -16.62
N ARG A 225 20.80 -0.62 -15.59
CA ARG A 225 20.56 -0.10 -14.25
C ARG A 225 20.72 1.40 -14.10
N ASP A 226 21.61 2.00 -14.87
CA ASP A 226 21.89 3.43 -14.75
C ASP A 226 20.78 4.37 -15.20
N LYS A 227 19.79 3.84 -15.92
CA LYS A 227 18.69 4.66 -16.41
C LYS A 227 17.39 4.40 -15.64
N LEU A 228 17.39 3.41 -14.77
CA LEU A 228 16.20 3.06 -14.00
C LEU A 228 15.95 3.98 -12.82
N VAL A 229 15.37 5.15 -13.10
CA VAL A 229 15.08 6.14 -12.08
C VAL A 229 13.79 5.84 -11.32
N LEU A 230 12.69 5.62 -12.03
CA LEU A 230 11.42 5.32 -11.38
C LEU A 230 11.53 3.94 -10.75
N ARG A 231 12.05 3.01 -11.54
CA ARG A 231 12.27 1.62 -11.13
C ARG A 231 11.03 0.76 -10.91
N ASN A 232 10.10 1.24 -10.11
CA ASN A 232 8.87 0.50 -9.83
C ASN A 232 7.62 1.33 -10.15
N GLY A 233 6.61 0.69 -10.73
CA GLY A 233 5.38 1.38 -11.04
C GLY A 233 5.28 2.03 -12.40
N TYR A 234 6.08 1.57 -13.36
CA TYR A 234 6.06 2.13 -14.73
C TYR A 234 4.74 1.92 -15.46
N ASN A 235 4.04 3.00 -15.77
CA ASN A 235 2.79 2.87 -16.52
C ASN A 235 3.13 2.36 -17.91
N VAL A 236 2.37 1.37 -18.36
CA VAL A 236 2.62 0.81 -19.67
C VAL A 236 1.26 0.61 -20.35
N THR A 237 1.16 0.99 -21.63
CA THR A 237 -0.10 0.86 -22.37
C THR A 237 0.12 0.90 -23.88
N ALA A 238 -0.91 0.50 -24.63
CA ALA A 238 -0.85 0.49 -26.08
C ALA A 238 -1.96 1.36 -26.65
N TYR A 239 -3.15 1.25 -26.08
CA TYR A 239 -4.30 2.00 -26.54
C TYR A 239 -5.45 1.96 -25.53
N THR A 240 -6.45 2.81 -25.76
CA THR A 240 -7.61 2.88 -24.89
C THR A 240 -8.89 2.76 -25.73
N PHE A 241 -9.86 2.01 -25.23
CA PHE A 241 -11.13 1.86 -25.93
C PHE A 241 -12.22 1.43 -24.97
N THR A 242 -13.47 1.61 -25.40
CA THR A 242 -14.63 1.22 -24.62
C THR A 242 -15.15 -0.06 -25.28
N PRO A 243 -16.05 -0.78 -24.60
CA PRO A 243 -16.59 -2.01 -25.19
C PRO A 243 -17.33 -1.77 -26.50
N SER A 244 -18.08 -0.67 -26.57
CA SER A 244 -18.83 -0.36 -27.79
C SER A 244 -17.89 -0.06 -28.95
N GLU A 245 -16.74 0.54 -28.65
CA GLU A 245 -15.75 0.85 -29.68
C GLU A 245 -15.09 -0.43 -30.19
N LEU A 246 -14.75 -1.35 -29.29
CA LEU A 246 -14.13 -2.59 -29.73
C LEU A 246 -15.14 -3.38 -30.55
N TYR A 247 -16.39 -3.39 -30.08
CA TYR A 247 -17.46 -4.09 -30.80
C TYR A 247 -17.54 -3.54 -32.23
N SER A 248 -17.61 -2.21 -32.34
CA SER A 248 -17.71 -1.57 -33.65
C SER A 248 -16.55 -1.92 -34.58
N LYS A 249 -15.33 -1.90 -34.05
CA LYS A 249 -14.16 -2.23 -34.85
C LYS A 249 -14.16 -3.69 -35.29
N ILE A 250 -14.56 -4.60 -34.41
CA ILE A 250 -14.63 -6.01 -34.77
C ILE A 250 -15.70 -6.16 -35.86
N LYS A 251 -16.78 -5.40 -35.69
CA LYS A 251 -17.90 -5.42 -36.64
C LYS A 251 -17.45 -5.09 -38.06
N GLU A 252 -16.41 -4.27 -38.17
CA GLU A 252 -15.88 -3.89 -39.49
C GLU A 252 -15.36 -5.11 -40.23
N ARG A 253 -15.00 -6.14 -39.47
CA ARG A 253 -14.49 -7.38 -40.05
C ARG A 253 -15.58 -8.44 -40.11
N ILE A 254 -16.35 -8.55 -39.03
CA ILE A 254 -17.42 -9.53 -38.92
C ILE A 254 -18.75 -8.82 -38.64
N PRO A 255 -19.48 -8.43 -39.70
CA PRO A 255 -20.76 -7.74 -39.53
C PRO A 255 -21.89 -8.53 -38.87
N GLU A 256 -21.90 -9.85 -39.04
CA GLU A 256 -22.98 -10.69 -38.50
C GLU A 256 -22.77 -11.15 -37.06
N PHE A 257 -22.67 -10.20 -36.14
CA PHE A 257 -22.48 -10.52 -34.73
C PHE A 257 -22.99 -9.32 -33.94
N GLU A 258 -23.43 -9.54 -32.72
CA GLU A 258 -23.94 -8.42 -31.93
C GLU A 258 -23.54 -8.42 -30.47
N ILE A 259 -23.97 -7.39 -29.76
CA ILE A 259 -23.63 -7.25 -28.35
C ILE A 259 -24.77 -6.67 -27.54
N GLU A 260 -24.78 -6.98 -26.25
CA GLU A 260 -25.78 -6.48 -25.32
C GLU A 260 -25.00 -6.18 -24.05
N TYR A 261 -25.45 -5.19 -23.29
CA TYR A 261 -24.75 -4.81 -22.07
C TYR A 261 -25.52 -5.08 -20.79
N LYS A 262 -24.97 -5.97 -19.98
CA LYS A 262 -25.55 -6.34 -18.70
C LYS A 262 -24.43 -6.25 -17.66
N GLU A 263 -24.20 -5.03 -17.20
CA GLU A 263 -23.15 -4.74 -16.24
C GLU A 263 -23.25 -5.46 -14.91
N ASP A 264 -22.12 -5.93 -14.39
CA ASP A 264 -22.09 -6.57 -13.08
C ASP A 264 -21.04 -5.90 -12.20
N PHE A 265 -20.66 -6.55 -11.12
CA PHE A 265 -19.70 -5.97 -10.18
C PHE A 265 -18.38 -5.51 -10.80
N ARG A 266 -17.99 -6.15 -11.91
CA ARG A 266 -16.74 -5.78 -12.55
C ARG A 266 -16.79 -4.39 -13.17
N ASP A 267 -17.98 -3.94 -13.56
CA ASP A 267 -18.09 -2.61 -14.14
C ASP A 267 -17.85 -1.57 -13.04
N LYS A 268 -18.21 -1.92 -11.80
CA LYS A 268 -18.00 -1.02 -10.68
C LYS A 268 -16.51 -0.91 -10.38
N ILE A 269 -15.78 -2.00 -10.59
CA ILE A 269 -14.34 -1.99 -10.39
C ILE A 269 -13.73 -1.09 -11.47
N ALA A 270 -14.11 -1.35 -12.72
CA ALA A 270 -13.59 -0.58 -13.85
C ALA A 270 -13.85 0.92 -13.74
N ALA A 271 -14.98 1.29 -13.16
CA ALA A 271 -15.33 2.70 -13.01
C ALA A 271 -14.34 3.46 -12.13
N THR A 272 -13.63 2.75 -11.26
CA THR A 272 -12.67 3.40 -10.37
C THR A 272 -11.30 3.59 -11.01
N TRP A 273 -11.12 3.05 -12.21
CA TRP A 273 -9.84 3.15 -12.88
C TRP A 273 -9.77 4.22 -13.95
N PRO A 274 -8.56 4.67 -14.29
CA PRO A 274 -8.34 5.69 -15.31
C PRO A 274 -8.63 5.13 -16.71
N GLU A 275 -8.92 6.02 -17.66
CA GLU A 275 -9.23 5.60 -19.02
C GLU A 275 -7.98 5.37 -19.87
N SER A 276 -6.96 6.20 -19.69
CA SER A 276 -5.73 6.07 -20.48
C SER A 276 -4.50 6.39 -19.63
N LEU A 277 -3.37 5.84 -20.03
CA LEU A 277 -2.11 6.05 -19.31
C LEU A 277 -1.06 6.73 -20.16
N ASP A 278 -0.15 7.43 -19.50
CA ASP A 278 0.97 8.09 -20.14
C ASP A 278 2.11 7.12 -19.83
N SER A 279 2.73 6.55 -20.85
CA SER A 279 3.82 5.59 -20.66
C SER A 279 5.19 6.16 -21.03
N SER A 280 5.32 7.48 -21.02
CA SER A 280 6.58 8.14 -21.37
C SER A 280 7.80 7.75 -20.53
N GLU A 281 7.59 7.56 -19.23
CA GLU A 281 8.68 7.20 -18.34
C GLU A 281 9.30 5.86 -18.72
N ALA A 282 8.45 4.88 -19.03
CA ALA A 282 8.92 3.56 -19.44
C ALA A 282 9.72 3.67 -20.74
N SER A 283 9.23 4.48 -21.68
CA SER A 283 9.94 4.63 -22.94
C SER A 283 11.27 5.35 -22.76
N ASN A 284 11.28 6.41 -21.94
CA ASN A 284 12.49 7.18 -21.71
C ASN A 284 13.55 6.46 -20.89
N GLU A 285 13.11 5.69 -19.90
CA GLU A 285 14.04 5.00 -19.01
C GLU A 285 14.52 3.62 -19.44
N TRP A 286 13.71 2.88 -20.20
CA TRP A 286 14.16 1.57 -20.66
C TRP A 286 13.69 1.18 -22.06
N GLY A 287 13.33 2.17 -22.86
CA GLY A 287 12.93 1.92 -24.24
C GLY A 287 11.62 1.22 -24.56
N PHE A 288 10.67 1.25 -23.64
CA PHE A 288 9.37 0.62 -23.86
C PHE A 288 8.80 1.04 -25.21
N SER A 289 8.27 0.08 -25.97
CA SER A 289 7.70 0.39 -27.28
C SER A 289 6.59 -0.58 -27.63
N ILE A 290 5.67 -0.12 -28.46
CA ILE A 290 4.53 -0.93 -28.89
C ILE A 290 4.67 -1.29 -30.37
N GLU A 291 4.40 -2.54 -30.70
CA GLU A 291 4.48 -3.02 -32.07
C GLU A 291 3.11 -3.35 -32.64
N TYR A 292 2.14 -3.59 -31.77
CA TYR A 292 0.79 -3.92 -32.20
C TYR A 292 -0.23 -2.85 -31.84
N ASP A 293 -0.69 -2.07 -32.83
CA ASP A 293 -1.71 -1.07 -32.54
C ASP A 293 -3.05 -1.80 -32.46
N LEU A 294 -4.13 -1.06 -32.22
CA LEU A 294 -5.44 -1.69 -32.08
C LEU A 294 -5.87 -2.50 -33.31
N ASP A 295 -5.74 -1.91 -34.49
CA ASP A 295 -6.12 -2.61 -35.72
C ASP A 295 -5.37 -3.93 -35.87
N ARG A 296 -4.05 -3.87 -35.67
CA ARG A 296 -3.23 -5.07 -35.80
C ARG A 296 -3.61 -6.15 -34.77
N THR A 297 -3.89 -5.78 -33.52
CA THR A 297 -4.25 -6.85 -32.58
C THR A 297 -5.65 -7.40 -32.87
N ILE A 298 -6.56 -6.55 -33.33
CA ILE A 298 -7.90 -7.03 -33.66
C ILE A 298 -7.82 -8.08 -34.77
N ASP A 299 -7.10 -7.76 -35.84
CA ASP A 299 -6.99 -8.70 -36.95
C ASP A 299 -6.20 -9.96 -36.58
N ASP A 300 -5.20 -9.81 -35.72
CA ASP A 300 -4.41 -10.97 -35.31
C ASP A 300 -5.26 -11.87 -34.42
N MET A 301 -6.07 -11.26 -33.55
CA MET A 301 -6.95 -12.03 -32.66
C MET A 301 -8.02 -12.79 -33.46
N ILE A 302 -8.64 -12.12 -34.42
CA ILE A 302 -9.65 -12.77 -35.25
C ILE A 302 -9.05 -13.97 -35.98
N ASP A 303 -7.85 -13.79 -36.53
CA ASP A 303 -7.16 -14.85 -37.25
C ASP A 303 -6.93 -16.07 -36.37
N HIS A 304 -6.30 -15.86 -35.21
CA HIS A 304 -6.00 -16.96 -34.29
C HIS A 304 -7.19 -17.59 -33.58
N ILE A 305 -8.19 -16.79 -33.23
CA ILE A 305 -9.37 -17.33 -32.57
C ILE A 305 -10.19 -18.13 -33.58
N SER A 306 -10.19 -17.68 -34.83
CA SER A 306 -10.91 -18.37 -35.89
C SER A 306 -10.28 -19.74 -36.13
N GLU A 307 -8.96 -19.83 -36.06
CA GLU A 307 -8.32 -21.11 -36.27
C GLU A 307 -8.56 -22.01 -35.05
N LYS A 308 -8.50 -21.42 -33.86
CA LYS A 308 -8.72 -22.18 -32.64
C LYS A 308 -10.11 -22.80 -32.58
N LEU A 309 -11.11 -22.07 -33.07
CA LEU A 309 -12.48 -22.57 -33.06
C LEU A 309 -12.86 -23.34 -34.31
N GLY A 310 -11.89 -23.55 -35.20
CA GLY A 310 -12.15 -24.28 -36.42
C GLY A 310 -13.10 -23.59 -37.36
N ILE A 311 -13.01 -22.26 -37.41
CA ILE A 311 -13.87 -21.47 -38.30
C ILE A 311 -13.15 -21.26 -39.63
N MET B 1 -18.17 -0.90 24.76
CA MET B 1 -16.86 -1.43 25.25
C MET B 1 -15.79 -1.08 24.23
N ILE B 2 -14.81 -0.27 24.65
CA ILE B 2 -13.73 0.16 23.78
C ILE B 2 -12.42 -0.56 24.10
N LEU B 3 -11.79 -1.13 23.07
CA LEU B 3 -10.52 -1.83 23.25
C LEU B 3 -9.40 -1.00 22.65
N VAL B 4 -8.30 -0.87 23.38
CA VAL B 4 -7.16 -0.12 22.89
C VAL B 4 -5.95 -1.05 22.81
N THR B 5 -5.36 -1.16 21.62
CA THR B 5 -4.20 -2.01 21.46
C THR B 5 -2.97 -1.12 21.55
N GLY B 6 -1.84 -1.68 21.98
CA GLY B 6 -0.63 -0.89 22.13
C GLY B 6 -0.88 0.28 23.07
N SER B 7 -1.62 0.00 24.14
CA SER B 7 -1.98 1.02 25.13
C SER B 7 -0.85 1.55 26.00
N SER B 8 0.27 0.85 26.04
CA SER B 8 1.40 1.27 26.86
C SER B 8 2.35 2.24 26.17
N GLY B 9 2.08 2.54 24.90
CA GLY B 9 2.94 3.45 24.16
C GLY B 9 2.78 4.91 24.53
N GLN B 10 3.44 5.79 23.78
CA GLN B 10 3.37 7.22 24.05
C GLN B 10 1.93 7.74 24.04
N ILE B 11 1.17 7.33 23.03
CA ILE B 11 -0.22 7.76 22.90
C ILE B 11 -1.15 7.03 23.87
N GLY B 12 -1.01 5.70 23.91
CA GLY B 12 -1.86 4.89 24.76
C GLY B 12 -1.82 5.27 26.23
N THR B 13 -0.64 5.61 26.74
CA THR B 13 -0.51 5.99 28.14
C THR B 13 -1.47 7.10 28.52
N GLU B 14 -1.76 7.99 27.57
CA GLU B 14 -2.67 9.10 27.83
C GLU B 14 -4.09 8.89 27.30
N LEU B 15 -4.22 8.19 26.17
CA LEU B 15 -5.54 7.95 25.58
C LEU B 15 -6.48 7.15 26.46
N VAL B 16 -5.94 6.14 27.16
CA VAL B 16 -6.76 5.30 28.03
C VAL B 16 -7.49 6.12 29.10
N PRO B 17 -6.75 6.88 29.93
CA PRO B 17 -7.46 7.65 30.95
C PRO B 17 -8.37 8.70 30.30
N TYR B 18 -7.99 9.15 29.11
CA TYR B 18 -8.76 10.15 28.38
C TYR B 18 -10.11 9.54 28.00
N LEU B 19 -10.09 8.28 27.59
CA LEU B 19 -11.29 7.56 27.20
C LEU B 19 -12.18 7.24 28.40
N ALA B 20 -11.56 6.81 29.49
CA ALA B 20 -12.30 6.48 30.71
C ALA B 20 -12.99 7.72 31.26
N GLU B 21 -12.33 8.86 31.10
CA GLU B 21 -12.86 10.13 31.58
C GLU B 21 -14.13 10.52 30.83
N LYS B 22 -14.13 10.30 29.52
CA LYS B 22 -15.26 10.68 28.69
C LYS B 22 -16.35 9.63 28.54
N TYR B 23 -15.98 8.35 28.58
CA TYR B 23 -16.95 7.28 28.38
C TYR B 23 -17.18 6.34 29.56
N GLY B 24 -16.45 6.54 30.65
CA GLY B 24 -16.61 5.68 31.81
C GLY B 24 -15.52 4.65 31.93
N LYS B 25 -15.04 4.44 33.15
CA LYS B 25 -13.97 3.47 33.41
C LYS B 25 -14.30 2.03 33.06
N LYS B 26 -15.55 1.62 33.25
CA LYS B 26 -15.93 0.25 32.96
C LYS B 26 -16.14 -0.05 31.49
N ASN B 27 -15.95 0.96 30.64
CA ASN B 27 -16.15 0.78 29.21
C ASN B 27 -14.86 0.80 28.38
N VAL B 28 -13.71 0.80 29.04
CA VAL B 28 -12.43 0.81 28.35
C VAL B 28 -11.55 -0.35 28.76
N ILE B 29 -10.90 -0.98 27.79
CA ILE B 29 -10.00 -2.10 28.04
C ILE B 29 -8.65 -1.80 27.40
N ALA B 30 -7.60 -1.81 28.21
CA ALA B 30 -6.25 -1.55 27.71
C ALA B 30 -5.58 -2.87 27.36
N SER B 31 -4.72 -2.85 26.36
CA SER B 31 -4.00 -4.05 25.93
C SER B 31 -2.68 -3.69 25.24
N ASP B 32 -1.70 -4.58 25.38
CA ASP B 32 -0.38 -4.37 24.79
C ASP B 32 0.41 -5.64 25.07
N ILE B 33 1.64 -5.73 24.58
CA ILE B 33 2.46 -6.90 24.83
C ILE B 33 3.39 -6.59 25.99
N VAL B 34 3.31 -5.34 26.45
CA VAL B 34 4.11 -4.85 27.58
C VAL B 34 3.16 -4.06 28.47
N GLN B 35 3.04 -4.46 29.73
CA GLN B 35 2.13 -3.78 30.64
C GLN B 35 2.72 -2.59 31.38
N ARG B 36 1.88 -1.58 31.58
CA ARG B 36 2.23 -0.36 32.29
C ARG B 36 1.04 -0.03 33.18
N ASP B 37 1.21 0.96 34.05
CA ASP B 37 0.14 1.37 34.95
C ASP B 37 -1.01 2.01 34.16
N THR B 38 -2.22 1.52 34.41
CA THR B 38 -3.41 2.05 33.73
C THR B 38 -4.35 2.71 34.73
N GLY B 39 -3.84 2.95 35.93
CA GLY B 39 -4.63 3.59 36.97
C GLY B 39 -5.99 2.97 37.23
N GLY B 40 -6.04 1.65 37.34
CA GLY B 40 -7.31 0.99 37.60
C GLY B 40 -8.00 0.34 36.42
N ILE B 41 -7.97 1.02 35.27
CA ILE B 41 -8.61 0.49 34.07
C ILE B 41 -8.09 -0.92 33.76
N LYS B 42 -9.00 -1.79 33.32
CA LYS B 42 -8.66 -3.17 33.01
C LYS B 42 -7.57 -3.27 31.93
N PHE B 43 -6.63 -4.19 32.13
CA PHE B 43 -5.55 -4.40 31.18
C PHE B 43 -5.41 -5.88 30.84
N ILE B 44 -5.19 -6.16 29.56
CA ILE B 44 -5.02 -7.53 29.10
C ILE B 44 -3.85 -7.61 28.12
N THR B 45 -3.10 -8.71 28.17
CA THR B 45 -1.98 -8.88 27.26
C THR B 45 -2.55 -9.33 25.92
N LEU B 46 -2.14 -8.66 24.85
CA LEU B 46 -2.66 -9.00 23.53
C LEU B 46 -1.67 -8.71 22.41
N ASP B 47 -1.16 -9.77 21.80
CA ASP B 47 -0.21 -9.65 20.69
C ASP B 47 -1.05 -9.53 19.43
N VAL B 48 -1.06 -8.35 18.81
CA VAL B 48 -1.86 -8.14 17.61
C VAL B 48 -1.44 -9.03 16.45
N SER B 49 -0.22 -9.54 16.48
CA SER B 49 0.25 -10.40 15.38
C SER B 49 -0.34 -11.80 15.49
N ASN B 50 -1.10 -12.04 16.56
CA ASN B 50 -1.74 -13.33 16.77
C ASN B 50 -3.25 -13.18 16.63
N ARG B 51 -3.75 -13.42 15.42
CA ARG B 51 -5.17 -13.31 15.12
C ARG B 51 -6.07 -13.98 16.15
N ASP B 52 -5.67 -15.16 16.61
CA ASP B 52 -6.47 -15.90 17.58
C ASP B 52 -6.66 -15.15 18.89
N GLU B 53 -5.64 -14.40 19.30
CA GLU B 53 -5.73 -13.64 20.54
C GLU B 53 -6.76 -12.52 20.42
N ILE B 54 -6.75 -11.85 19.28
CA ILE B 54 -7.68 -10.76 19.02
C ILE B 54 -9.12 -11.27 19.08
N ASP B 55 -9.37 -12.42 18.46
CA ASP B 55 -10.69 -13.00 18.45
C ASP B 55 -11.23 -13.30 19.84
N ARG B 56 -10.39 -13.89 20.69
CA ARG B 56 -10.80 -14.24 22.04
C ARG B 56 -11.12 -12.99 22.87
N ALA B 57 -10.28 -11.97 22.74
CA ALA B 57 -10.46 -10.72 23.48
C ALA B 57 -11.75 -10.00 23.09
N VAL B 58 -11.95 -9.83 21.79
CA VAL B 58 -13.14 -9.16 21.28
C VAL B 58 -14.38 -9.90 21.73
N GLU B 59 -14.30 -11.22 21.71
CA GLU B 59 -15.41 -12.09 22.10
C GLU B 59 -15.66 -12.02 23.61
N LYS B 60 -14.60 -12.24 24.38
CA LYS B 60 -14.68 -12.24 25.83
C LYS B 60 -15.14 -10.93 26.46
N TYR B 61 -14.72 -9.81 25.89
CA TYR B 61 -15.08 -8.50 26.44
C TYR B 61 -16.14 -7.73 25.65
N SER B 62 -16.81 -8.39 24.73
CA SER B 62 -17.85 -7.76 23.92
C SER B 62 -17.39 -6.40 23.41
N ILE B 63 -16.23 -6.38 22.75
CA ILE B 63 -15.66 -5.16 22.21
C ILE B 63 -16.51 -4.56 21.09
N ASP B 64 -16.85 -3.29 21.23
CA ASP B 64 -17.67 -2.59 20.24
C ASP B 64 -16.87 -1.62 19.40
N ALA B 65 -15.75 -1.15 19.94
CA ALA B 65 -14.90 -0.22 19.23
C ALA B 65 -13.44 -0.52 19.52
N ILE B 66 -12.58 -0.22 18.57
CA ILE B 66 -11.16 -0.46 18.74
C ILE B 66 -10.31 0.73 18.32
N PHE B 67 -9.41 1.13 19.20
CA PHE B 67 -8.46 2.19 18.87
C PHE B 67 -7.19 1.35 18.72
N HIS B 68 -6.79 1.12 17.47
CA HIS B 68 -5.63 0.30 17.14
C HIS B 68 -4.32 1.09 17.11
N LEU B 69 -3.63 1.12 18.25
CA LEU B 69 -2.38 1.85 18.40
C LEU B 69 -1.13 0.98 18.26
N ALA B 70 -1.28 -0.32 18.44
CA ALA B 70 -0.15 -1.25 18.36
C ALA B 70 0.64 -1.18 17.05
N GLY B 71 1.96 -1.16 17.17
CA GLY B 71 2.80 -1.09 16.00
C GLY B 71 4.24 -0.69 16.26
N ILE B 72 5.03 -0.73 15.19
CA ILE B 72 6.45 -0.37 15.22
C ILE B 72 6.52 0.93 14.43
N LEU B 73 7.22 1.94 14.97
CA LEU B 73 7.31 3.24 14.29
C LEU B 73 8.40 3.33 13.23
N SER B 74 8.56 4.52 12.65
CA SER B 74 9.53 4.71 11.56
C SER B 74 10.99 4.35 11.81
N ALA B 75 11.57 4.87 12.88
CA ALA B 75 12.97 4.61 13.19
C ALA B 75 13.26 3.13 13.48
N LYS B 76 12.49 2.55 14.38
CA LYS B 76 12.65 1.15 14.75
C LYS B 76 12.35 0.25 13.55
N GLY B 77 11.48 0.72 12.67
CA GLY B 77 11.14 -0.04 11.49
C GLY B 77 12.32 -0.21 10.56
N GLU B 78 13.18 0.80 10.50
CA GLU B 78 14.36 0.71 9.65
C GLU B 78 15.44 -0.15 10.27
N LYS B 79 15.39 -0.28 11.59
CA LYS B 79 16.35 -1.11 12.29
C LYS B 79 15.91 -2.58 12.17
N ASP B 80 14.60 -2.80 12.10
CA ASP B 80 14.05 -4.15 12.00
C ASP B 80 12.81 -4.15 11.11
N PRO B 81 13.01 -4.03 9.79
CA PRO B 81 11.87 -4.01 8.85
C PRO B 81 10.98 -5.24 8.91
N ALA B 82 11.56 -6.40 9.21
CA ALA B 82 10.77 -7.64 9.30
C ALA B 82 9.77 -7.57 10.46
N LEU B 83 10.18 -6.98 11.58
CA LEU B 83 9.30 -6.85 12.73
C LEU B 83 8.21 -5.84 12.40
N ALA B 84 8.60 -4.76 11.73
CA ALA B 84 7.64 -3.73 11.36
C ALA B 84 6.57 -4.31 10.44
N TYR B 85 6.98 -5.14 9.49
CA TYR B 85 6.01 -5.74 8.58
C TYR B 85 5.09 -6.68 9.34
N LYS B 86 5.69 -7.53 10.17
CA LYS B 86 4.92 -8.49 10.95
C LYS B 86 3.84 -7.85 11.83
N VAL B 87 4.23 -6.94 12.72
CA VAL B 87 3.23 -6.33 13.59
C VAL B 87 2.36 -5.27 12.92
N ASN B 88 2.94 -4.48 12.04
CA ASN B 88 2.17 -3.43 11.37
C ASN B 88 1.27 -3.96 10.25
N MET B 89 1.85 -4.68 9.30
CA MET B 89 1.05 -5.20 8.19
C MET B 89 0.12 -6.34 8.64
N ASN B 90 0.71 -7.44 9.08
CA ASN B 90 -0.09 -8.58 9.51
C ASN B 90 -0.95 -8.27 10.74
N GLY B 91 -0.43 -7.47 11.65
CA GLY B 91 -1.18 -7.12 12.84
C GLY B 91 -2.43 -6.31 12.55
N THR B 92 -2.30 -5.32 11.68
CA THR B 92 -3.44 -4.49 11.32
C THR B 92 -4.44 -5.31 10.52
N TYR B 93 -3.95 -6.20 9.67
CA TYR B 93 -4.84 -7.04 8.89
C TYR B 93 -5.65 -7.93 9.84
N ASN B 94 -4.98 -8.49 10.85
CA ASN B 94 -5.64 -9.34 11.83
C ASN B 94 -6.74 -8.58 12.56
N ILE B 95 -6.43 -7.35 12.97
CA ILE B 95 -7.40 -6.51 13.67
C ILE B 95 -8.62 -6.24 12.79
N LEU B 96 -8.38 -5.93 11.52
CA LEU B 96 -9.47 -5.65 10.60
C LEU B 96 -10.34 -6.89 10.36
N GLU B 97 -9.69 -8.03 10.16
CA GLU B 97 -10.43 -9.27 9.93
C GLU B 97 -11.25 -9.65 11.14
N ALA B 98 -10.63 -9.54 12.32
CA ALA B 98 -11.32 -9.85 13.56
C ALA B 98 -12.48 -8.89 13.79
N ALA B 99 -12.27 -7.62 13.47
CA ALA B 99 -13.31 -6.62 13.64
C ALA B 99 -14.46 -6.92 12.69
N LYS B 100 -14.12 -7.31 11.46
CA LYS B 100 -15.12 -7.62 10.44
C LYS B 100 -15.94 -8.86 10.81
N GLN B 101 -15.27 -9.90 11.30
CA GLN B 101 -15.94 -11.13 11.67
C GLN B 101 -16.96 -10.87 12.78
N HIS B 102 -16.46 -10.38 13.92
CA HIS B 102 -17.31 -10.09 15.06
C HIS B 102 -18.19 -8.87 14.88
N ARG B 103 -18.78 -8.40 15.96
CA ARG B 103 -19.68 -7.26 15.93
C ARG B 103 -19.03 -5.93 16.32
N VAL B 104 -17.90 -5.61 15.71
CA VAL B 104 -17.21 -4.35 15.99
C VAL B 104 -17.78 -3.26 15.07
N GLU B 105 -18.31 -2.20 15.67
CA GLU B 105 -18.90 -1.12 14.88
C GLU B 105 -17.97 0.07 14.58
N LYS B 106 -16.79 0.08 15.17
CA LYS B 106 -15.85 1.17 14.93
C LYS B 106 -14.40 0.80 15.23
N VAL B 107 -13.51 1.17 14.32
CA VAL B 107 -12.09 0.93 14.48
C VAL B 107 -11.39 2.20 14.05
N VAL B 108 -10.53 2.72 14.94
CA VAL B 108 -9.80 3.95 14.65
C VAL B 108 -8.32 3.63 14.60
N ILE B 109 -7.68 4.01 13.49
CA ILE B 109 -6.25 3.74 13.31
C ILE B 109 -5.47 5.03 13.16
N PRO B 110 -4.42 5.20 13.97
CA PRO B 110 -3.62 6.42 13.88
C PRO B 110 -2.58 6.26 12.77
N SER B 111 -2.84 6.87 11.61
CA SER B 111 -1.87 6.76 10.54
C SER B 111 -0.77 7.78 10.77
N THR B 112 0.00 8.10 9.74
CA THR B 112 1.15 8.96 9.95
C THR B 112 1.64 9.70 8.71
N ILE B 113 2.44 10.75 8.94
CA ILE B 113 3.02 11.49 7.84
C ILE B 113 4.02 10.54 7.17
N GLY B 114 4.24 9.40 7.81
CA GLY B 114 5.15 8.39 7.27
C GLY B 114 4.67 7.78 5.97
N VAL B 115 3.41 8.03 5.60
CA VAL B 115 2.88 7.49 4.36
C VAL B 115 3.34 8.31 3.14
N PHE B 116 3.98 9.45 3.41
CA PHE B 116 4.45 10.31 2.32
C PHE B 116 5.88 9.98 1.92
N GLY B 117 6.27 10.43 0.73
CA GLY B 117 7.60 10.20 0.22
C GLY B 117 8.16 11.45 -0.43
N PRO B 118 9.35 11.36 -1.04
CA PRO B 118 10.02 12.48 -1.71
C PRO B 118 9.18 13.21 -2.76
N GLU B 119 8.32 12.47 -3.45
CA GLU B 119 7.47 13.05 -4.49
C GLU B 119 6.31 13.86 -3.94
N THR B 120 5.97 13.64 -2.67
CA THR B 120 4.88 14.36 -2.01
C THR B 120 5.28 15.82 -1.81
N PRO B 121 4.40 16.76 -2.23
CA PRO B 121 4.69 18.19 -2.07
C PRO B 121 5.11 18.48 -0.63
N LYS B 122 6.04 19.41 -0.46
CA LYS B 122 6.54 19.74 0.87
C LYS B 122 5.70 20.72 1.68
N ASN B 123 4.91 21.54 1.01
CA ASN B 123 4.12 22.55 1.72
C ASN B 123 2.61 22.46 1.55
N LYS B 124 1.89 22.68 2.65
CA LYS B 124 0.42 22.65 2.65
C LYS B 124 -0.14 21.45 1.90
N VAL B 125 0.41 20.27 2.15
CA VAL B 125 -0.04 19.05 1.48
C VAL B 125 -1.44 18.65 1.86
N PRO B 126 -2.33 18.46 0.87
CA PRO B 126 -3.71 18.05 1.14
C PRO B 126 -3.69 16.55 1.39
N SER B 127 -4.79 16.00 1.92
CA SER B 127 -4.86 14.56 2.21
C SER B 127 -4.77 13.68 0.99
N ILE B 128 -5.42 14.06 -0.10
CA ILE B 128 -5.34 13.28 -1.33
C ILE B 128 -4.11 13.80 -2.06
N THR B 129 -3.04 13.00 -2.03
CA THR B 129 -1.81 13.43 -2.66
C THR B 129 -0.98 12.19 -3.02
N ILE B 130 0.27 12.42 -3.40
CA ILE B 130 1.17 11.32 -3.75
C ILE B 130 1.61 10.64 -2.45
N THR B 131 1.48 9.31 -2.42
CA THR B 131 1.87 8.56 -1.24
C THR B 131 2.78 7.39 -1.63
N ARG B 132 4.07 7.68 -1.74
CA ARG B 132 5.05 6.67 -2.10
C ARG B 132 6.13 6.63 -1.01
N PRO B 133 5.75 6.11 0.17
CA PRO B 133 6.66 6.00 1.33
C PRO B 133 7.92 5.21 1.03
N ARG B 134 9.02 5.61 1.67
CA ARG B 134 10.29 4.95 1.47
C ARG B 134 10.80 4.18 2.69
N THR B 135 9.98 4.08 3.73
CA THR B 135 10.35 3.33 4.93
C THR B 135 9.40 2.14 5.05
N MET B 136 9.85 1.05 5.66
CA MET B 136 8.95 -0.09 5.81
C MET B 136 7.71 0.35 6.58
N TYR B 137 7.93 1.15 7.61
CA TYR B 137 6.84 1.68 8.42
C TYR B 137 5.81 2.39 7.53
N GLY B 138 6.29 3.28 6.68
CA GLY B 138 5.40 4.01 5.77
C GLY B 138 4.62 3.09 4.85
N VAL B 139 5.29 2.05 4.35
CA VAL B 139 4.64 1.10 3.46
C VAL B 139 3.48 0.43 4.20
N THR B 140 3.75 -0.05 5.41
CA THR B 140 2.70 -0.73 6.18
C THR B 140 1.55 0.21 6.55
N LYS B 141 1.86 1.48 6.77
CA LYS B 141 0.83 2.44 7.16
C LYS B 141 -0.07 2.90 6.01
N ILE B 142 0.47 3.06 4.80
CA ILE B 142 -0.40 3.46 3.70
C ILE B 142 -1.26 2.25 3.38
N ALA B 143 -0.72 1.05 3.58
CA ALA B 143 -1.48 -0.17 3.34
C ALA B 143 -2.62 -0.23 4.35
N ALA B 144 -2.34 0.18 5.58
CA ALA B 144 -3.35 0.18 6.64
C ALA B 144 -4.51 1.11 6.28
N GLU B 145 -4.20 2.31 5.79
CA GLU B 145 -5.24 3.26 5.40
C GLU B 145 -6.10 2.69 4.27
N LEU B 146 -5.45 2.02 3.33
CA LEU B 146 -6.14 1.45 2.18
C LEU B 146 -7.00 0.24 2.56
N LEU B 147 -6.47 -0.61 3.42
CA LEU B 147 -7.21 -1.78 3.87
C LEU B 147 -8.41 -1.28 4.66
N GLY B 148 -8.20 -0.23 5.44
CA GLY B 148 -9.26 0.35 6.23
C GLY B 148 -10.40 0.82 5.36
N GLN B 149 -10.09 1.69 4.41
CA GLN B 149 -11.12 2.23 3.52
C GLN B 149 -11.79 1.08 2.78
N TYR B 150 -11.02 0.06 2.43
CA TYR B 150 -11.57 -1.09 1.73
C TYR B 150 -12.61 -1.82 2.59
N TYR B 151 -12.23 -2.15 3.83
CA TYR B 151 -13.17 -2.87 4.69
C TYR B 151 -14.47 -2.08 4.89
N TYR B 152 -14.37 -0.76 4.87
CA TYR B 152 -15.55 0.07 5.03
C TYR B 152 -16.43 0.01 3.77
N GLU B 153 -15.81 0.23 2.61
CA GLU B 153 -16.55 0.21 1.36
C GLU B 153 -17.04 -1.18 0.98
N LYS B 154 -16.31 -2.21 1.42
CA LYS B 154 -16.65 -3.59 1.11
C LYS B 154 -17.58 -4.28 2.10
N PHE B 155 -17.24 -4.24 3.38
CA PHE B 155 -18.02 -4.89 4.42
C PHE B 155 -18.82 -3.94 5.31
N GLY B 156 -18.58 -2.65 5.17
CA GLY B 156 -19.30 -1.68 5.98
C GLY B 156 -18.68 -1.47 7.36
N LEU B 157 -17.50 -2.04 7.57
CA LEU B 157 -16.80 -1.90 8.86
C LEU B 157 -16.44 -0.42 8.97
N ASP B 158 -16.89 0.22 10.04
CA ASP B 158 -16.63 1.64 10.25
C ASP B 158 -15.19 1.89 10.68
N VAL B 159 -14.29 1.96 9.69
CA VAL B 159 -12.89 2.19 9.98
C VAL B 159 -12.55 3.63 9.60
N ARG B 160 -11.90 4.35 10.53
CA ARG B 160 -11.54 5.74 10.30
C ARG B 160 -10.08 5.92 10.70
N SER B 161 -9.40 6.87 10.06
CA SER B 161 -8.00 7.12 10.38
C SER B 161 -7.57 8.54 10.04
N LEU B 162 -6.54 9.00 10.74
CA LEU B 162 -6.01 10.33 10.51
C LEU B 162 -4.50 10.14 10.49
N ARG B 163 -3.81 11.12 9.91
CA ARG B 163 -2.35 11.06 9.82
C ARG B 163 -1.70 12.00 10.83
N TYR B 164 -1.17 11.42 11.90
CA TYR B 164 -0.50 12.22 12.93
C TYR B 164 0.90 12.65 12.48
N PRO B 165 1.29 13.88 12.85
CA PRO B 165 2.61 14.39 12.51
C PRO B 165 3.43 13.93 13.72
N GLY B 166 4.55 14.58 14.00
CA GLY B 166 5.31 14.19 15.18
C GLY B 166 4.51 14.57 16.41
N ILE B 167 4.43 13.70 17.40
CA ILE B 167 3.69 14.02 18.62
C ILE B 167 4.59 14.30 19.82
N ILE B 168 4.39 15.48 20.42
CA ILE B 168 5.16 15.91 21.60
C ILE B 168 4.33 15.61 22.84
N SER B 169 4.97 15.08 23.89
CA SER B 169 4.28 14.76 25.13
C SER B 169 5.29 14.65 26.28
N TYR B 170 4.78 14.68 27.52
CA TYR B 170 5.65 14.57 28.69
C TYR B 170 5.33 13.35 29.55
N LYS B 171 4.10 12.84 29.42
CA LYS B 171 3.65 11.67 30.20
C LYS B 171 4.54 10.45 30.01
N ALA B 172 4.66 9.99 28.77
CA ALA B 172 5.48 8.82 28.48
C ALA B 172 6.87 9.25 28.05
N GLU B 173 7.86 8.43 28.39
CA GLU B 173 9.25 8.72 28.04
C GLU B 173 9.44 8.53 26.54
N PRO B 174 10.33 9.33 25.92
CA PRO B 174 10.57 9.19 24.48
C PRO B 174 11.19 7.83 24.18
N THR B 175 11.04 7.38 22.94
CA THR B 175 11.55 6.06 22.55
C THR B 175 12.45 6.09 21.30
N ALA B 176 13.27 7.13 21.21
CA ALA B 176 14.21 7.29 20.09
C ALA B 176 13.56 7.32 18.71
N GLY B 177 12.29 7.74 18.66
CA GLY B 177 11.60 7.80 17.39
C GLY B 177 12.16 8.92 16.52
N THR B 178 11.81 8.90 15.24
CA THR B 178 12.29 9.92 14.32
C THR B 178 11.97 11.34 14.79
N THR B 179 10.78 11.54 15.35
CA THR B 179 10.38 12.87 15.82
C THR B 179 10.54 13.06 17.32
N ASP B 180 11.04 12.03 18.02
CA ASP B 180 11.21 12.10 19.46
C ASP B 180 12.26 13.10 19.95
N TYR B 181 13.02 13.69 19.02
CA TYR B 181 14.02 14.67 19.41
C TYR B 181 13.26 15.85 20.02
N ALA B 182 12.04 16.06 19.53
CA ALA B 182 11.20 17.17 19.99
C ALA B 182 10.76 16.96 21.45
N VAL B 183 11.02 15.76 21.97
CA VAL B 183 10.69 15.46 23.34
C VAL B 183 11.97 15.41 24.16
N GLU B 184 12.97 14.72 23.64
CA GLU B 184 14.27 14.58 24.31
C GLU B 184 14.87 15.95 24.61
N ILE B 185 14.81 16.85 23.63
CA ILE B 185 15.38 18.17 23.77
C ILE B 185 14.95 18.87 25.06
N PHE B 186 13.72 18.64 25.49
CA PHE B 186 13.22 19.24 26.71
C PHE B 186 13.88 18.66 27.97
N TYR B 187 14.18 17.36 27.95
CA TYR B 187 14.84 16.73 29.10
C TYR B 187 16.20 17.39 29.31
N TYR B 188 16.93 17.59 28.22
CA TYR B 188 18.25 18.21 28.29
C TYR B 188 18.19 19.68 28.65
N ALA B 189 17.22 20.40 28.11
CA ALA B 189 17.08 21.83 28.38
C ALA B 189 16.85 22.11 29.85
N VAL B 190 15.89 21.42 30.44
CA VAL B 190 15.56 21.61 31.86
C VAL B 190 16.76 21.31 32.77
N LYS B 191 17.71 20.54 32.25
CA LYS B 191 18.90 20.22 33.03
C LYS B 191 20.08 21.09 32.62
N ARG B 192 19.81 22.02 31.70
CA ARG B 192 20.84 22.92 31.20
C ARG B 192 22.00 22.17 30.57
N GLU B 193 21.70 21.00 29.99
CA GLU B 193 22.69 20.15 29.35
C GLU B 193 22.66 20.32 27.83
N LYS B 194 23.82 20.24 27.21
CA LYS B 194 23.91 20.36 25.74
C LYS B 194 23.25 19.14 25.11
N TYR B 195 22.31 19.40 24.20
CA TYR B 195 21.60 18.34 23.52
C TYR B 195 22.23 17.97 22.18
N LYS B 196 22.32 16.66 21.92
CA LYS B 196 22.88 16.18 20.66
C LYS B 196 21.70 15.74 19.79
N CYS B 197 21.32 16.60 18.85
CA CYS B 197 20.18 16.36 17.97
C CYS B 197 20.56 15.54 16.75
N TYR B 198 19.73 14.54 16.43
CA TYR B 198 19.99 13.67 15.29
C TYR B 198 19.31 14.07 13.98
N LEU B 199 18.56 15.17 14.01
CA LEU B 199 17.95 15.68 12.78
C LEU B 199 18.70 16.97 12.42
N ALA B 200 18.74 17.29 11.14
CA ALA B 200 19.43 18.49 10.67
C ALA B 200 18.85 19.75 11.30
N PRO B 201 19.68 20.79 11.50
CA PRO B 201 19.17 22.03 12.10
C PRO B 201 17.96 22.64 11.40
N ASN B 202 17.90 22.52 10.08
CA ASN B 202 16.79 23.09 9.33
C ASN B 202 15.81 22.04 8.79
N ARG B 203 15.72 20.89 9.46
CA ARG B 203 14.80 19.84 9.03
C ARG B 203 13.38 20.16 9.51
N ALA B 204 12.60 20.81 8.65
CA ALA B 204 11.23 21.18 9.01
C ALA B 204 10.24 20.02 8.93
N LEU B 205 9.40 19.91 9.96
CA LEU B 205 8.39 18.84 10.02
C LEU B 205 7.14 19.32 10.75
N PRO B 206 5.99 18.72 10.43
CA PRO B 206 4.75 19.12 11.11
C PRO B 206 4.76 18.41 12.47
N MET B 207 4.18 19.06 13.47
CA MET B 207 4.13 18.50 14.82
C MET B 207 2.85 18.95 15.51
N MET B 208 2.59 18.38 16.68
CA MET B 208 1.43 18.75 17.47
C MET B 208 1.57 18.20 18.89
N TYR B 209 0.93 18.88 19.84
CA TYR B 209 1.00 18.50 21.25
C TYR B 209 -0.03 17.42 21.59
N MET B 210 0.34 16.52 22.49
CA MET B 210 -0.51 15.40 22.89
C MET B 210 -1.96 15.74 23.19
N PRO B 211 -2.22 16.81 23.95
CA PRO B 211 -3.63 17.13 24.24
C PRO B 211 -4.46 17.31 22.97
N ASP B 212 -3.87 17.90 21.95
CA ASP B 212 -4.61 18.10 20.69
C ASP B 212 -4.67 16.80 19.89
N ALA B 213 -3.66 15.95 20.05
CA ALA B 213 -3.61 14.67 19.35
C ALA B 213 -4.72 13.78 19.87
N LEU B 214 -4.93 13.80 21.19
CA LEU B 214 -5.96 13.00 21.82
C LEU B 214 -7.34 13.53 21.45
N LYS B 215 -7.50 14.84 21.47
CA LYS B 215 -8.78 15.47 21.12
C LYS B 215 -9.16 15.12 19.69
N ALA B 216 -8.18 15.20 18.79
CA ALA B 216 -8.40 14.88 17.39
C ALA B 216 -8.85 13.43 17.20
N LEU B 217 -8.18 12.51 17.87
CA LEU B 217 -8.51 11.09 17.74
C LEU B 217 -9.95 10.81 18.18
N VAL B 218 -10.36 11.44 19.29
CA VAL B 218 -11.72 11.22 19.79
C VAL B 218 -12.76 12.00 18.99
N ASP B 219 -12.40 13.18 18.46
CA ASP B 219 -13.33 13.95 17.64
C ASP B 219 -13.64 13.14 16.37
N LEU B 220 -12.61 12.48 15.83
CA LEU B 220 -12.79 11.68 14.63
C LEU B 220 -13.66 10.48 14.95
N TYR B 221 -13.44 9.90 16.13
CA TYR B 221 -14.18 8.75 16.61
C TYR B 221 -15.66 9.06 16.83
N GLU B 222 -15.95 10.27 17.31
CA GLU B 222 -17.33 10.69 17.59
C GLU B 222 -18.09 11.24 16.40
N ALA B 223 -17.40 11.45 15.29
CA ALA B 223 -18.04 12.00 14.10
C ALA B 223 -19.13 11.04 13.61
N ASP B 224 -20.17 11.61 13.03
CA ASP B 224 -21.26 10.80 12.49
C ASP B 224 -20.75 10.23 11.18
N ARG B 225 -20.70 8.90 11.10
CA ARG B 225 -20.19 8.22 9.90
C ARG B 225 -20.76 8.72 8.59
N ASP B 226 -21.85 9.49 8.65
CA ASP B 226 -22.47 10.03 7.45
C ASP B 226 -21.78 11.33 7.02
N LYS B 227 -21.16 12.00 7.99
CA LYS B 227 -20.46 13.26 7.73
C LYS B 227 -19.08 13.05 7.14
N LEU B 228 -18.51 11.88 7.35
CA LEU B 228 -17.17 11.58 6.85
C LEU B 228 -17.17 11.16 5.39
N VAL B 229 -16.37 11.85 4.57
CA VAL B 229 -16.27 11.49 3.17
C VAL B 229 -14.87 10.93 2.92
N LEU B 230 -13.84 11.65 3.33
CA LEU B 230 -12.46 11.16 3.16
C LEU B 230 -12.36 9.88 3.97
N ARG B 231 -12.80 9.97 5.23
CA ARG B 231 -12.83 8.85 6.17
C ARG B 231 -11.48 8.32 6.63
N ASN B 232 -10.56 8.08 5.71
CA ASN B 232 -9.24 7.56 6.05
C ASN B 232 -8.18 8.44 5.39
N GLY B 233 -7.11 8.73 6.14
CA GLY B 233 -6.03 9.53 5.60
C GLY B 233 -6.08 11.02 5.90
N TYR B 234 -6.85 11.40 6.92
CA TYR B 234 -6.96 12.80 7.30
C TYR B 234 -5.67 13.43 7.79
N ASN B 235 -5.15 14.41 7.05
CA ASN B 235 -3.94 15.12 7.46
C ASN B 235 -4.30 15.93 8.70
N VAL B 236 -3.44 15.90 9.70
CA VAL B 236 -3.67 16.64 10.94
C VAL B 236 -2.34 17.20 11.43
N THR B 237 -2.35 18.47 11.85
CA THR B 237 -1.14 19.13 12.35
C THR B 237 -1.51 20.36 13.16
N ALA B 238 -0.54 20.88 13.90
CA ALA B 238 -0.76 22.07 14.72
C ALA B 238 0.21 23.17 14.29
N TYR B 239 1.42 22.74 13.94
CA TYR B 239 2.46 23.67 13.52
C TYR B 239 3.65 22.95 12.88
N THR B 240 4.52 23.71 12.26
CA THR B 240 5.72 23.17 11.62
C THR B 240 6.94 23.93 12.12
N PHE B 241 7.98 23.20 12.51
CA PHE B 241 9.21 23.82 12.97
C PHE B 241 10.42 22.93 12.72
N THR B 242 11.60 23.52 12.84
CA THR B 242 12.84 22.80 12.65
C THR B 242 13.50 22.66 14.02
N PRO B 243 14.47 21.75 14.14
CA PRO B 243 15.15 21.58 15.43
C PRO B 243 15.78 22.90 15.91
N SER B 244 16.40 23.63 15.00
CA SER B 244 17.04 24.89 15.36
C SER B 244 16.00 25.90 15.82
N GLU B 245 14.79 25.82 15.26
CA GLU B 245 13.72 26.72 15.64
C GLU B 245 13.22 26.40 17.04
N LEU B 246 13.01 25.12 17.33
CA LEU B 246 12.55 24.72 18.65
C LEU B 246 13.64 25.05 19.66
N TYR B 247 14.89 24.78 19.31
CA TYR B 247 16.01 25.09 20.19
C TYR B 247 15.99 26.57 20.54
N SER B 248 15.87 27.41 19.51
CA SER B 248 15.86 28.86 19.71
C SER B 248 14.75 29.30 20.65
N LYS B 249 13.55 28.77 20.45
CA LYS B 249 12.41 29.14 21.29
C LYS B 249 12.59 28.67 22.73
N ILE B 250 13.16 27.48 22.90
CA ILE B 250 13.40 26.95 24.24
C ILE B 250 14.45 27.81 24.94
N LYS B 251 15.45 28.26 24.18
CA LYS B 251 16.52 29.07 24.72
C LYS B 251 16.02 30.44 25.20
N GLU B 252 14.90 30.90 24.68
CA GLU B 252 14.35 32.19 25.10
C GLU B 252 13.88 32.06 26.55
N ARG B 253 13.60 30.82 26.96
CA ARG B 253 13.17 30.54 28.32
C ARG B 253 14.29 29.99 29.19
N ILE B 254 15.20 29.25 28.56
CA ILE B 254 16.36 28.65 29.26
C ILE B 254 17.58 29.02 28.43
N PRO B 255 18.11 30.24 28.65
CA PRO B 255 19.29 30.77 27.93
C PRO B 255 20.60 29.99 27.96
N GLU B 256 20.79 29.15 28.97
CA GLU B 256 22.03 28.39 29.08
C GLU B 256 22.01 27.13 28.22
N PHE B 257 20.87 26.86 27.60
CA PHE B 257 20.71 25.68 26.77
C PHE B 257 21.63 25.68 25.55
N GLU B 258 22.26 24.53 25.31
CA GLU B 258 23.17 24.36 24.18
C GLU B 258 22.73 23.19 23.31
N ILE B 259 23.12 23.22 22.04
CA ILE B 259 22.76 22.14 21.12
C ILE B 259 23.82 21.94 20.04
N GLU B 260 23.97 20.69 19.60
CA GLU B 260 24.90 20.37 18.54
C GLU B 260 24.15 19.39 17.64
N TYR B 261 24.56 19.30 16.38
CA TYR B 261 23.88 18.41 15.46
C TYR B 261 24.73 17.27 14.94
N LYS B 262 24.27 16.05 15.20
CA LYS B 262 24.94 14.84 14.77
C LYS B 262 23.86 13.99 14.08
N GLU B 263 23.57 14.34 12.83
CA GLU B 263 22.54 13.67 12.06
C GLU B 263 22.82 12.19 11.77
N ASP B 264 21.78 11.37 11.83
CA ASP B 264 21.92 9.96 11.53
C ASP B 264 20.81 9.50 10.58
N PHE B 265 20.58 8.19 10.52
CA PHE B 265 19.57 7.63 9.63
C PHE B 265 18.19 8.23 9.81
N ARG B 266 17.88 8.70 11.01
CA ARG B 266 16.58 9.29 11.25
C ARG B 266 16.40 10.61 10.48
N ASP B 267 17.49 11.31 10.20
CA ASP B 267 17.39 12.55 9.44
C ASP B 267 17.06 12.22 7.98
N LYS B 268 17.56 11.09 7.50
CA LYS B 268 17.30 10.67 6.13
C LYS B 268 15.83 10.29 6.01
N ILE B 269 15.27 9.74 7.08
CA ILE B 269 13.86 9.38 7.09
C ILE B 269 13.05 10.67 7.00
N ALA B 270 13.35 11.60 7.91
CA ALA B 270 12.64 12.87 7.96
C ALA B 270 12.70 13.65 6.66
N ALA B 271 13.84 13.59 5.97
CA ALA B 271 14.00 14.31 4.72
C ALA B 271 13.02 13.89 3.63
N THR B 272 12.45 12.69 3.74
CA THR B 272 11.51 12.21 2.72
C THR B 272 10.08 12.66 2.98
N TRP B 273 9.84 13.31 4.11
CA TRP B 273 8.50 13.75 4.46
C TRP B 273 8.26 15.23 4.18
N PRO B 274 6.98 15.63 4.09
CA PRO B 274 6.64 17.04 3.83
C PRO B 274 6.92 17.90 5.06
N GLU B 275 7.05 19.20 4.84
CA GLU B 275 7.32 20.15 5.92
C GLU B 275 6.07 20.59 6.66
N SER B 276 4.98 20.81 5.92
CA SER B 276 3.73 21.24 6.53
C SER B 276 2.54 20.58 5.86
N LEU B 277 1.44 20.46 6.61
CA LEU B 277 0.24 19.81 6.09
C LEU B 277 -0.97 20.74 6.06
N ASP B 278 -1.88 20.48 5.13
CA ASP B 278 -3.13 21.23 5.02
C ASP B 278 -4.13 20.31 5.69
N SER B 279 -4.73 20.77 6.78
CA SER B 279 -5.69 19.95 7.52
C SER B 279 -7.13 20.43 7.38
N SER B 280 -7.45 21.05 6.25
CA SER B 280 -8.80 21.56 6.00
C SER B 280 -9.87 20.48 6.07
N GLU B 281 -9.60 19.36 5.42
CA GLU B 281 -10.54 18.24 5.39
C GLU B 281 -10.95 17.73 6.76
N ALA B 282 -9.98 17.61 7.67
CA ALA B 282 -10.27 17.15 9.02
C ALA B 282 -11.19 18.12 9.76
N SER B 283 -10.94 19.42 9.56
CA SER B 283 -11.74 20.46 10.20
C SER B 283 -13.13 20.58 9.60
N ASN B 284 -13.24 20.40 8.28
CA ASN B 284 -14.52 20.51 7.61
C ASN B 284 -15.44 19.31 7.82
N GLU B 285 -14.84 18.12 7.95
CA GLU B 285 -15.63 16.92 8.12
C GLU B 285 -15.97 16.53 9.55
N TRP B 286 -15.01 16.60 10.47
CA TRP B 286 -15.30 16.27 11.86
C TRP B 286 -14.88 17.34 12.87
N GLY B 287 -14.71 18.56 12.39
CA GLY B 287 -14.34 19.68 13.25
C GLY B 287 -13.01 19.64 13.96
N PHE B 288 -11.96 19.23 13.25
CA PHE B 288 -10.62 19.18 13.83
C PHE B 288 -10.17 20.58 14.22
N SER B 289 -9.60 20.72 15.42
CA SER B 289 -9.13 22.02 15.89
C SER B 289 -7.94 21.90 16.84
N ILE B 290 -7.14 22.95 16.90
CA ILE B 290 -5.96 22.99 17.77
C ILE B 290 -6.16 23.99 18.89
N GLU B 291 -5.73 23.62 20.10
CA GLU B 291 -5.86 24.50 21.26
C GLU B 291 -4.51 24.89 21.83
N TYR B 292 -3.45 24.18 21.40
CA TYR B 292 -2.10 24.45 21.89
C TYR B 292 -1.15 24.87 20.78
N ASP B 293 -0.87 26.17 20.65
CA ASP B 293 0.07 26.59 19.62
C ASP B 293 1.46 26.21 20.11
N LEU B 294 2.50 26.57 19.35
CA LEU B 294 3.85 26.21 19.72
C LEU B 294 4.33 26.78 21.06
N ASP B 295 4.03 28.04 21.33
CA ASP B 295 4.44 28.65 22.59
C ASP B 295 3.86 27.94 23.80
N ARG B 296 2.55 27.69 23.78
CA ARG B 296 1.91 27.00 24.90
C ARG B 296 2.46 25.58 25.08
N THR B 297 2.82 24.93 23.98
CA THR B 297 3.38 23.58 24.07
C THR B 297 4.75 23.63 24.71
N ILE B 298 5.55 24.60 24.30
CA ILE B 298 6.90 24.73 24.86
C ILE B 298 6.85 25.03 26.35
N ASP B 299 6.08 26.04 26.74
CA ASP B 299 5.97 26.40 28.15
C ASP B 299 5.39 25.26 28.98
N ASP B 300 4.41 24.55 28.43
CA ASP B 300 3.79 23.45 29.15
C ASP B 300 4.77 22.28 29.33
N MET B 301 5.58 22.02 28.30
CA MET B 301 6.55 20.94 28.37
C MET B 301 7.64 21.24 29.42
N ILE B 302 8.18 22.45 29.37
CA ILE B 302 9.22 22.87 30.30
C ILE B 302 8.72 22.70 31.74
N ASP B 303 7.48 23.11 31.97
CA ASP B 303 6.87 23.02 33.29
C ASP B 303 6.83 21.57 33.78
N HIS B 304 6.26 20.69 32.97
CA HIS B 304 6.14 19.28 33.32
C HIS B 304 7.44 18.49 33.41
N ILE B 305 8.34 18.69 32.45
CA ILE B 305 9.61 17.96 32.48
C ILE B 305 10.43 18.37 33.69
N SER B 306 10.33 19.64 34.09
CA SER B 306 11.05 20.14 35.25
C SER B 306 10.60 19.36 36.47
N GLU B 307 9.29 19.17 36.56
CA GLU B 307 8.67 18.44 37.66
C GLU B 307 9.06 16.97 37.57
N LYS B 308 9.28 16.52 36.33
CA LYS B 308 9.67 15.15 35.97
C LYS B 308 8.48 14.42 35.35
PA NAD C . -4.11 -15.45 -14.14
O1A NAD C . -4.35 -15.87 -15.53
O2A NAD C . -5.34 -15.32 -13.25
O5B NAD C . -3.04 -16.47 -13.53
C5B NAD C . -2.65 -16.36 -12.18
C4B NAD C . -1.86 -17.61 -11.77
O4B NAD C . -1.63 -17.44 -10.38
C3B NAD C . -2.68 -18.89 -11.94
O3B NAD C . -2.06 -19.83 -12.80
C2B NAD C . -2.88 -19.36 -10.50
O2B NAD C . -2.99 -20.76 -10.32
C1B NAD C . -1.67 -18.75 -9.86
N9A NAD C . -1.63 -18.72 -8.37
C8A NAD C . -2.65 -18.35 -7.52
N7A NAD C . -2.22 -18.47 -6.26
C5A NAD C . -0.95 -18.91 -6.27
C6A NAD C . 0.00 -19.20 -5.27
N6A NAD C . -0.32 -19.08 -3.98
N1A NAD C . 1.27 -19.64 -5.63
C2A NAD C . 1.61 -19.78 -6.98
N3A NAD C . 0.69 -19.49 -7.97
C4A NAD C . -0.56 -19.06 -7.61
O3 NAD C . -3.31 -14.05 -14.10
PN NAD C . -2.45 -13.38 -15.28
O1N NAD C . -1.62 -14.40 -15.97
O2N NAD C . -3.42 -12.61 -16.09
O5D NAD C . -1.55 -12.32 -14.50
C5D NAD C . -0.49 -12.72 -13.70
C4D NAD C . 0.18 -11.49 -13.08
O4D NAD C . 0.08 -10.35 -13.97
C3D NAD C . -0.47 -11.08 -11.78
O3D NAD C . 0.50 -10.69 -10.83
C2D NAD C . -1.39 -9.96 -12.20
O2D NAD C . -1.81 -9.13 -11.15
C1D NAD C . -0.58 -9.29 -13.29
N1N NAD C . -1.42 -8.47 -14.23
C2N NAD C . -2.15 -9.12 -15.23
C3N NAD C . -2.96 -8.35 -16.10
C7N NAD C . -3.75 -9.02 -17.18
O7N NAD C . -4.52 -8.22 -17.99
N7N NAD C . -3.73 -10.32 -17.40
C4N NAD C . -3.01 -6.94 -15.91
C5N NAD C . -2.27 -6.32 -14.90
C6N NAD C . -1.48 -7.09 -14.06
C PYR D . -6.40 -6.64 -13.52
O PYR D . -5.20 -6.43 -13.40
OXT PYR D . -7.01 -7.46 -12.64
CA PYR D . -7.18 -5.98 -14.62
O3 PYR D . -8.38 -6.20 -14.71
CB PYR D . -6.50 -5.07 -15.61
C1 MPD E . -12.28 -18.73 -23.47
C2 MPD E . -12.94 -17.48 -22.97
O2 MPD E . -13.34 -17.60 -21.60
CM MPD E . -12.01 -16.29 -23.01
C3 MPD E . -14.11 -17.33 -23.90
C4 MPD E . -15.14 -18.44 -23.86
O4 MPD E . -15.62 -18.57 -22.57
C5 MPD E . -14.63 -19.81 -24.22
PA NAD F . 4.76 3.57 20.85
O1A NAD F . 4.91 4.50 21.97
O2A NAD F . 6.01 2.97 20.24
O5B NAD F . 3.75 2.42 21.33
C5B NAD F . 3.49 1.34 20.47
C4B NAD F . 3.05 0.14 21.33
O4B NAD F . 2.93 -0.96 20.45
C3B NAD F . 4.09 -0.24 22.40
O3B NAD F . 3.56 -0.12 23.72
C2B NAD F . 4.50 -1.65 22.00
O2B NAD F . 4.87 -2.53 23.04
C1B NAD F . 3.27 -2.07 21.26
N9A NAD F . 3.35 -3.28 20.41
C8A NAD F . 4.38 -3.69 19.60
N7A NAD F . 4.04 -4.86 19.03
C5A NAD F . 2.81 -5.22 19.48
C6A NAD F . 1.97 -6.32 19.24
N6A NAD F . 2.34 -7.30 18.42
N1A NAD F . 0.74 -6.37 19.88
C2A NAD F . 0.33 -5.35 20.75
N3A NAD F . 1.16 -4.26 20.98
C4A NAD F . 2.38 -4.21 20.35
O3 NAD F . 3.94 4.30 19.69
PN NAD F . 3.01 5.61 19.80
O1N NAD F . 2.20 5.56 21.05
O2N NAD F . 3.89 6.78 19.63
O5D NAD F . 2.10 5.47 18.50
C5D NAD F . 1.16 4.44 18.43
C4D NAD F . 0.43 4.49 17.10
O4D NAD F . 0.36 5.84 16.63
C3D NAD F . 1.12 3.70 16.00
O3D NAD F . 0.15 3.06 15.19
C2D NAD F . 1.92 4.75 15.29
O2D NAD F . 2.33 4.36 14.01
C1D NAD F . 0.97 5.92 15.35
N1N NAD F . 1.62 7.25 15.17
C2N NAD F . 2.34 7.79 16.24
C3N NAD F . 2.98 9.03 16.08
C7N NAD F . 3.77 9.62 17.21
O7N NAD F . 4.36 10.83 16.98
N7N NAD F . 3.90 9.04 18.38
C4N NAD F . 2.87 9.70 14.83
C5N NAD F . 2.13 9.13 13.78
C6N NAD F . 1.51 7.90 13.97
C PYR G . 6.45 8.43 13.13
O PYR G . 5.26 8.31 12.95
OXT PYR G . 7.22 7.33 13.26
CA PYR G . 7.06 9.78 13.20
O3 PYR G . 8.27 9.89 13.37
CB PYR G . 6.22 11.03 13.04
C1 MPD H . 14.38 6.59 4.20
C2 MPD H . 15.61 6.39 3.36
O2 MPD H . 15.48 7.08 2.13
CM MPD H . 16.86 6.82 4.03
C3 MPD H . 16.03 4.95 3.17
C4 MPD H . 15.02 3.97 2.86
O4 MPD H . 14.55 4.27 1.59
C5 MPD H . 15.79 2.67 2.82
#